data_4JNA
#
_entry.id   4JNA
#
_cell.length_a   154.283
_cell.length_b   154.283
_cell.length_c   71.828
_cell.angle_alpha   90.000
_cell.angle_beta   90.000
_cell.angle_gamma   90.000
#
_symmetry.space_group_name_H-M   'P 43 21 2'
#
loop_
_entity.id
_entity.type
_entity.pdbx_description
1 polymer DepH
2 polymer 'Dimethyl FK228'
3 non-polymer 'FLAVIN-ADENINE DINUCLEOTIDE'
4 non-polymer 'CHLORIDE ION'
5 non-polymer 1,2-ETHANEDIOL
6 non-polymer 'PHOSPHATE ION'
7 non-polymer GLYCEROL
8 water water
#
loop_
_entity_poly.entity_id
_entity_poly.type
_entity_poly.pdbx_seq_one_letter_code
_entity_poly.pdbx_strand_id
1 'polypeptide(L)'
;MGSSHHHHHHSSGLVPRGSHMMKAARAPSHSFPIKDSRPMNSETSPMLFDVIVIGGSHAGQSAALQIARARRRVLVIDAG
ARRNRFASQSHGVIGQDGRSPDAIAADGKAQLLAYPNAQWREDSVVRAERSDAGYTLICASGQHYRACQLVLAFGVVDEL
PELEGLEERWGESVFHCPYCHGYELDGGRIGVLGSGPLSYLSAMLMPEWGQTVFLTDASFEPDEEQREALARRGVEIVRD
RIARIVDRATVELADGRRIAFDGLFTMNRMRLSSPVAEQLGCAIEEGPLGPYVRTDDAMETSTPGVFACGDITHRGGTVA
LAIGNGALAGIAAHRKLVFG
;
A,B
2 'polypeptide(L)' (1KC)(DVA)(060)(DBU)V H,I
#
loop_
_chem_comp.id
_chem_comp.type
_chem_comp.name
_chem_comp.formula
1KC non-polymer '(3S)-7-methylsulfanyl-3-oxidanyl-hept-4-enoic acid' 'C8 H14 O3 S'
CL non-polymer 'CHLORIDE ION' 'Cl -1'
EDO non-polymer 1,2-ETHANEDIOL 'C2 H6 O2'
FAD non-polymer 'FLAVIN-ADENINE DINUCLEOTIDE' 'C27 H33 N9 O15 P2'
GOL non-polymer GLYCEROL 'C3 H8 O3'
PO4 non-polymer 'PHOSPHATE ION' 'O4 P -3'
#
# COMPACT_ATOMS: atom_id res chain seq x y z
N SER A 45 0.68 21.58 -30.56
CA SER A 45 -0.26 20.50 -30.85
C SER A 45 -0.64 19.58 -29.67
N PRO A 46 0.36 18.94 -29.00
CA PRO A 46 0.08 17.86 -28.03
C PRO A 46 -0.94 18.17 -26.92
N MET A 47 -1.74 17.16 -26.57
CA MET A 47 -2.74 17.27 -25.51
C MET A 47 -2.11 17.53 -24.14
N LEU A 48 -2.75 18.40 -23.36
CA LEU A 48 -2.26 18.76 -22.03
C LEU A 48 -3.06 18.06 -20.93
N PHE A 49 -2.35 17.50 -19.95
CA PHE A 49 -2.98 16.90 -18.78
C PHE A 49 -2.29 17.43 -17.53
N ASP A 50 -2.98 17.37 -16.39
CA ASP A 50 -2.33 17.73 -15.13
C ASP A 50 -1.29 16.68 -14.78
N VAL A 51 -1.67 15.41 -14.92
CA VAL A 51 -0.78 14.30 -14.63
C VAL A 51 -0.89 13.22 -15.69
N ILE A 52 0.26 12.72 -16.13
CA ILE A 52 0.27 11.49 -16.94
C ILE A 52 0.88 10.35 -16.14
N VAL A 53 0.16 9.24 -16.06
CA VAL A 53 0.67 8.02 -15.45
C VAL A 53 1.18 7.10 -16.55
N ILE A 54 2.43 6.68 -16.43
CA ILE A 54 3.03 5.79 -17.41
C ILE A 54 3.04 4.36 -16.87
N GLY A 55 2.17 3.54 -17.43
CA GLY A 55 1.92 2.21 -16.90
C GLY A 55 0.53 2.17 -16.30
N GLY A 56 -0.26 1.18 -16.69
CA GLY A 56 -1.67 1.15 -16.32
C GLY A 56 -2.09 -0.10 -15.58
N SER A 57 -1.16 -0.68 -14.83
CA SER A 57 -1.48 -1.86 -14.04
C SER A 57 -1.87 -1.41 -12.64
N HIS A 58 -1.63 -2.26 -11.64
CA HIS A 58 -2.09 -1.99 -10.28
C HIS A 58 -1.57 -0.67 -9.71
N ALA A 59 -0.27 -0.42 -9.83
CA ALA A 59 0.30 0.80 -9.26
C ALA A 59 -0.22 2.05 -9.96
N GLY A 60 -0.21 2.03 -11.30
CA GLY A 60 -0.64 3.17 -12.07
C GLY A 60 -2.12 3.48 -11.92
N GLN A 61 -2.94 2.43 -11.85
CA GLN A 61 -4.37 2.63 -11.64
C GLN A 61 -4.63 3.22 -10.27
N SER A 62 -3.91 2.74 -9.26
CA SER A 62 -4.13 3.25 -7.91
C SER A 62 -3.73 4.73 -7.83
N ALA A 63 -2.61 5.09 -8.45
CA ALA A 63 -2.22 6.49 -8.46
C ALA A 63 -3.21 7.36 -9.24
N ALA A 64 -3.57 6.91 -10.44
CA ALA A 64 -4.48 7.65 -11.32
C ALA A 64 -5.82 7.91 -10.65
N LEU A 65 -6.30 6.94 -9.87
CA LEU A 65 -7.56 7.06 -9.17
C LEU A 65 -7.57 8.21 -8.15
N GLN A 66 -6.45 8.41 -7.44
CA GLN A 66 -6.40 9.51 -6.47
C GLN A 66 -6.52 10.84 -7.21
N ILE A 67 -5.82 10.97 -8.32
CA ILE A 67 -5.84 12.20 -9.07
C ILE A 67 -7.22 12.45 -9.71
N ALA A 68 -7.83 11.37 -10.21
CA ALA A 68 -9.18 11.47 -10.75
C ALA A 68 -10.13 11.97 -9.67
N ARG A 69 -10.02 11.42 -8.48
CA ARG A 69 -10.90 11.82 -7.38
C ARG A 69 -10.64 13.24 -6.89
N ALA A 70 -9.48 13.79 -7.25
CA ALA A 70 -9.18 15.19 -6.94
C ALA A 70 -9.65 16.13 -8.04
N ARG A 71 -10.45 15.62 -8.98
CA ARG A 71 -11.00 16.40 -10.08
C ARG A 71 -9.94 17.06 -10.94
N ARG A 72 -8.83 16.36 -11.15
CA ARG A 72 -7.81 16.84 -12.07
C ARG A 72 -7.78 15.95 -13.31
N ARG A 73 -7.18 16.47 -14.39
CA ARG A 73 -7.12 15.75 -15.64
C ARG A 73 -5.94 14.77 -15.64
N VAL A 74 -6.25 13.49 -15.73
CA VAL A 74 -5.21 12.47 -15.66
C VAL A 74 -5.32 11.52 -16.84
N LEU A 75 -4.17 11.22 -17.43
CA LEU A 75 -4.11 10.28 -18.54
C LEU A 75 -3.21 9.12 -18.17
N VAL A 76 -3.68 7.90 -18.43
CA VAL A 76 -2.85 6.71 -18.27
C VAL A 76 -2.41 6.25 -19.66
N ILE A 77 -1.10 6.06 -19.82
CA ILE A 77 -0.58 5.48 -21.04
C ILE A 77 -0.06 4.10 -20.70
N ASP A 78 -0.66 3.06 -21.27
CA ASP A 78 -0.32 1.68 -20.90
C ASP A 78 -0.05 0.76 -22.09
N ALA A 79 1.09 0.05 -22.04
CA ALA A 79 1.48 -0.81 -23.14
C ALA A 79 0.91 -2.23 -23.06
N GLY A 80 0.13 -2.50 -22.01
CA GLY A 80 -0.63 -3.75 -21.93
C GLY A 80 0.12 -5.04 -21.68
N ALA A 81 1.23 -4.98 -20.95
CA ALA A 81 1.95 -6.21 -20.61
C ALA A 81 2.33 -6.26 -19.14
N ARG A 82 1.42 -6.75 -18.30
CA ARG A 82 1.67 -6.78 -16.86
C ARG A 82 2.62 -7.91 -16.49
N ARG A 83 3.42 -7.69 -15.45
CA ARG A 83 4.37 -8.70 -14.97
C ARG A 83 3.69 -10.03 -14.65
N ASN A 84 2.48 -9.97 -14.08
CA ASN A 84 1.78 -11.17 -13.61
C ASN A 84 0.84 -11.80 -14.61
N ARG A 85 1.05 -11.53 -15.90
CA ARG A 85 0.18 -12.08 -16.94
C ARG A 85 0.38 -13.58 -17.20
N PHE A 86 1.22 -14.25 -16.41
CA PHE A 86 1.54 -15.66 -16.66
C PHE A 86 0.80 -16.63 -15.73
N ALA A 87 0.41 -16.16 -14.55
CA ALA A 87 -0.30 -17.01 -13.59
C ALA A 87 -1.81 -16.84 -13.76
N SER A 88 -2.57 -17.90 -13.51
CA SER A 88 -4.02 -17.79 -13.74
C SER A 88 -4.77 -17.27 -12.51
N GLN A 89 -4.11 -17.22 -11.36
CA GLN A 89 -4.70 -16.68 -10.14
C GLN A 89 -3.76 -15.70 -9.44
N SER A 90 -4.36 -14.77 -8.71
CA SER A 90 -3.65 -13.80 -7.88
C SER A 90 -3.91 -14.12 -6.40
N HIS A 91 -2.91 -13.93 -5.54
CA HIS A 91 -3.05 -14.19 -4.11
C HIS A 91 -2.44 -13.06 -3.30
N GLY A 92 -2.82 -12.95 -2.03
CA GLY A 92 -2.20 -12.00 -1.13
C GLY A 92 -2.81 -10.60 -1.10
N VAL A 93 -3.79 -10.34 -1.95
CA VAL A 93 -4.50 -9.05 -1.95
C VAL A 93 -5.83 -9.18 -1.25
N ILE A 94 -5.93 -8.56 -0.08
CA ILE A 94 -7.13 -8.70 0.72
C ILE A 94 -8.31 -8.10 -0.08
N GLY A 95 -9.39 -8.86 -0.19
CA GLY A 95 -10.52 -8.46 -1.03
C GLY A 95 -10.46 -9.04 -2.44
N GLN A 96 -9.31 -9.57 -2.84
CA GLN A 96 -9.15 -10.16 -4.17
C GLN A 96 -8.39 -11.50 -4.20
N ASP A 97 -8.27 -12.17 -3.05
N ASP A 97 -8.23 -12.16 -3.05
CA ASP A 97 -7.52 -13.43 -2.95
CA ASP A 97 -7.46 -13.41 -3.01
C ASP A 97 -8.16 -14.53 -3.81
C ASP A 97 -8.15 -14.49 -3.83
N GLY A 98 -7.39 -15.11 -4.72
CA GLY A 98 -7.89 -16.13 -5.62
C GLY A 98 -8.34 -15.64 -6.99
N ARG A 99 -8.65 -14.34 -7.11
CA ARG A 99 -9.19 -13.80 -8.35
C ARG A 99 -8.21 -13.83 -9.51
N SER A 100 -8.75 -13.82 -10.72
CA SER A 100 -7.92 -13.79 -11.93
C SER A 100 -7.27 -12.41 -12.09
N PRO A 101 -5.96 -12.40 -12.42
CA PRO A 101 -5.25 -11.12 -12.56
C PRO A 101 -5.81 -10.24 -13.68
N ASP A 102 -6.24 -10.84 -14.78
CA ASP A 102 -6.88 -10.07 -15.86
C ASP A 102 -8.15 -9.40 -15.37
N ALA A 103 -8.92 -10.12 -14.55
CA ALA A 103 -10.17 -9.57 -14.03
C ALA A 103 -9.90 -8.42 -13.07
N ILE A 104 -8.87 -8.59 -12.23
CA ILE A 104 -8.48 -7.52 -11.32
C ILE A 104 -8.14 -6.25 -12.11
N ALA A 105 -7.29 -6.40 -13.12
CA ALA A 105 -6.86 -5.28 -13.94
C ALA A 105 -8.05 -4.64 -14.67
N ALA A 106 -8.95 -5.49 -15.18
CA ALA A 106 -10.12 -5.01 -15.91
C ALA A 106 -11.06 -4.18 -15.02
N ASP A 107 -11.32 -4.66 -13.80
CA ASP A 107 -12.23 -3.97 -12.90
C ASP A 107 -11.65 -2.60 -12.54
N GLY A 108 -10.35 -2.58 -12.24
CA GLY A 108 -9.68 -1.34 -11.90
C GLY A 108 -9.72 -0.32 -13.03
N LYS A 109 -9.47 -0.76 -14.25
CA LYS A 109 -9.53 0.13 -15.40
C LYS A 109 -10.94 0.71 -15.59
N ALA A 110 -11.95 -0.13 -15.49
CA ALA A 110 -13.33 0.32 -15.65
C ALA A 110 -13.70 1.34 -14.57
N GLN A 111 -13.22 1.13 -13.35
CA GLN A 111 -13.69 2.04 -12.34
C GLN A 111 -12.92 3.35 -12.33
N LEU A 112 -11.71 3.33 -12.88
CA LEU A 112 -10.98 4.56 -13.11
C LEU A 112 -11.64 5.37 -14.23
N LEU A 113 -11.96 4.72 -15.33
CA LEU A 113 -12.52 5.41 -16.49
C LEU A 113 -13.97 5.86 -16.27
N ALA A 114 -14.57 5.42 -15.17
CA ALA A 114 -15.86 5.97 -14.75
C ALA A 114 -15.76 7.47 -14.43
N TYR A 115 -14.55 7.97 -14.18
CA TYR A 115 -14.29 9.40 -13.97
C TYR A 115 -14.03 10.09 -15.31
N PRO A 116 -14.91 11.03 -15.71
CA PRO A 116 -14.80 11.67 -17.03
C PRO A 116 -13.44 12.33 -17.22
N ASN A 117 -12.87 12.82 -16.12
CA ASN A 117 -11.59 13.51 -16.18
C ASN A 117 -10.38 12.56 -16.26
N ALA A 118 -10.63 11.25 -16.27
CA ALA A 118 -9.57 10.26 -16.47
C ALA A 118 -9.63 9.69 -17.88
N GLN A 119 -8.48 9.55 -18.51
CA GLN A 119 -8.44 8.97 -19.85
C GLN A 119 -7.35 7.91 -19.95
N TRP A 120 -7.45 7.09 -20.99
CA TRP A 120 -6.56 5.94 -21.17
C TRP A 120 -6.12 5.92 -22.62
N ARG A 121 -4.84 5.61 -22.85
CA ARG A 121 -4.34 5.30 -24.18
C ARG A 121 -3.60 3.98 -24.14
N GLU A 122 -3.87 3.12 -25.11
CA GLU A 122 -3.12 1.88 -25.24
C GLU A 122 -1.96 2.16 -26.18
N ASP A 123 -0.79 2.39 -25.57
CA ASP A 123 0.37 2.87 -26.30
C ASP A 123 1.60 2.70 -25.41
N SER A 124 2.76 3.01 -25.97
CA SER A 124 4.02 2.85 -25.24
C SER A 124 4.78 4.18 -25.27
N VAL A 125 5.16 4.68 -24.09
CA VAL A 125 5.99 5.87 -24.04
C VAL A 125 7.43 5.49 -24.36
N VAL A 126 8.01 6.14 -25.37
CA VAL A 126 9.39 5.83 -25.76
C VAL A 126 10.39 6.89 -25.34
N ARG A 127 9.92 8.14 -25.20
CA ARG A 127 10.81 9.25 -24.89
C ARG A 127 10.11 10.26 -23.99
N ALA A 128 10.81 10.69 -22.93
CA ALA A 128 10.28 11.67 -21.99
C ALA A 128 11.25 12.83 -21.86
N GLU A 129 10.73 14.05 -21.90
CA GLU A 129 11.55 15.26 -21.86
C GLU A 129 11.03 16.28 -20.86
N ARG A 130 11.96 16.93 -20.16
CA ARG A 130 11.61 17.98 -19.22
C ARG A 130 11.77 19.33 -19.90
N SER A 131 10.65 20.01 -20.14
CA SER A 131 10.69 21.36 -20.69
C SER A 131 10.14 22.34 -19.66
N ASP A 132 10.19 23.63 -19.98
CA ASP A 132 9.62 24.64 -19.09
C ASP A 132 8.12 24.40 -18.93
N ALA A 133 7.47 23.98 -20.01
CA ALA A 133 6.07 23.59 -19.94
C ALA A 133 5.89 22.17 -19.40
N GLY A 134 6.65 21.83 -18.36
CA GLY A 134 6.49 20.56 -17.66
C GLY A 134 7.22 19.40 -18.29
N TYR A 135 6.45 18.39 -18.70
CA TYR A 135 7.02 17.20 -19.31
C TYR A 135 6.35 16.92 -20.64
N THR A 136 7.13 16.41 -21.58
CA THR A 136 6.60 16.06 -22.89
C THR A 136 6.89 14.60 -23.16
N LEU A 137 5.85 13.86 -23.57
CA LEU A 137 5.98 12.43 -23.80
C LEU A 137 5.73 12.10 -25.27
N ILE A 138 6.61 11.29 -25.85
CA ILE A 138 6.47 10.85 -27.23
C ILE A 138 6.22 9.34 -27.23
N CYS A 139 5.16 8.90 -27.90
CA CYS A 139 4.79 7.48 -27.89
C CYS A 139 5.21 6.75 -29.14
N ALA A 140 5.22 5.43 -29.05
CA ALA A 140 5.56 4.56 -30.18
C ALA A 140 4.66 4.83 -31.38
N SER A 141 3.44 5.29 -31.09
CA SER A 141 2.47 5.59 -32.15
C SER A 141 2.78 6.91 -32.85
N GLY A 142 3.58 7.75 -32.21
CA GLY A 142 3.93 9.04 -32.77
C GLY A 142 3.25 10.18 -32.02
N GLN A 143 2.23 9.85 -31.24
CA GLN A 143 1.52 10.84 -30.44
C GLN A 143 2.42 11.53 -29.42
N HIS A 144 2.23 12.84 -29.26
CA HIS A 144 2.89 13.60 -28.20
C HIS A 144 1.87 13.99 -27.14
N TYR A 145 2.24 13.87 -25.88
CA TYR A 145 1.40 14.35 -24.77
C TYR A 145 2.22 15.21 -23.81
N ARG A 146 1.55 16.18 -23.16
CA ARG A 146 2.22 17.06 -22.21
C ARG A 146 1.55 16.99 -20.85
N ALA A 147 2.34 17.10 -19.78
CA ALA A 147 1.78 17.11 -18.43
C ALA A 147 2.58 17.99 -17.50
N CYS A 148 1.94 18.49 -16.46
CA CYS A 148 2.63 19.21 -15.40
C CYS A 148 3.46 18.20 -14.59
N GLN A 149 2.87 17.03 -14.29
CA GLN A 149 3.60 16.04 -13.52
C GLN A 149 3.48 14.63 -14.08
N LEU A 150 4.42 13.76 -13.74
CA LEU A 150 4.42 12.37 -14.19
C LEU A 150 4.41 11.41 -13.02
N VAL A 151 3.69 10.30 -13.18
CA VAL A 151 3.83 9.19 -12.27
C VAL A 151 4.40 8.01 -13.07
N LEU A 152 5.57 7.53 -12.69
CA LEU A 152 6.14 6.35 -13.34
C LEU A 152 5.62 5.11 -12.64
N ALA A 153 4.97 4.23 -13.41
CA ALA A 153 4.36 3.02 -12.88
C ALA A 153 4.51 1.89 -13.90
N PHE A 154 5.68 1.82 -14.55
CA PHE A 154 5.82 0.94 -15.71
C PHE A 154 6.35 -0.46 -15.40
N GLY A 155 6.58 -0.74 -14.13
CA GLY A 155 6.93 -2.09 -13.70
C GLY A 155 8.30 -2.58 -14.12
N VAL A 156 8.59 -3.84 -13.77
CA VAL A 156 9.85 -4.46 -14.14
C VAL A 156 9.64 -5.69 -15.02
N VAL A 157 10.72 -6.15 -15.65
CA VAL A 157 10.70 -7.32 -16.50
C VAL A 157 11.63 -8.37 -15.90
N ASP A 158 11.11 -9.58 -15.74
CA ASP A 158 11.90 -10.68 -15.18
C ASP A 158 12.93 -11.18 -16.20
N GLU A 159 14.18 -11.25 -15.80
CA GLU A 159 15.22 -11.82 -16.63
C GLU A 159 15.48 -13.23 -16.11
N LEU A 160 14.93 -14.21 -16.82
CA LEU A 160 14.95 -15.57 -16.31
C LEU A 160 16.32 -16.21 -16.48
N PRO A 161 16.68 -17.10 -15.56
CA PRO A 161 17.94 -17.85 -15.68
C PRO A 161 17.95 -18.60 -17.02
N GLU A 162 19.14 -18.78 -17.60
CA GLU A 162 19.26 -19.52 -18.85
C GLU A 162 19.25 -21.02 -18.59
N LEU A 163 18.06 -21.56 -18.34
CA LEU A 163 17.89 -22.99 -18.07
C LEU A 163 16.84 -23.49 -19.04
N GLU A 164 17.18 -24.48 -19.85
CA GLU A 164 16.24 -25.00 -20.84
C GLU A 164 14.98 -25.48 -20.16
N GLY A 165 13.83 -25.10 -20.71
CA GLY A 165 12.53 -25.49 -20.19
C GLY A 165 11.93 -24.58 -19.13
N LEU A 166 12.72 -23.66 -18.59
CA LEU A 166 12.23 -22.80 -17.51
C LEU A 166 11.18 -21.80 -18.01
N GLU A 167 11.48 -21.13 -19.11
CA GLU A 167 10.63 -20.03 -19.57
C GLU A 167 9.20 -20.50 -19.85
N GLU A 168 9.05 -21.67 -20.47
CA GLU A 168 7.72 -22.16 -20.79
C GLU A 168 6.91 -22.57 -19.57
N ARG A 169 7.56 -22.72 -18.42
CA ARG A 169 6.85 -23.08 -17.20
C ARG A 169 6.61 -21.90 -16.26
N TRP A 170 7.17 -20.75 -16.62
CA TRP A 170 7.11 -19.56 -15.77
C TRP A 170 5.67 -19.23 -15.43
N GLY A 171 5.38 -19.11 -14.13
CA GLY A 171 4.05 -18.79 -13.65
C GLY A 171 3.09 -19.96 -13.60
N GLU A 172 3.56 -21.15 -13.97
CA GLU A 172 2.74 -22.37 -13.89
C GLU A 172 3.37 -23.34 -12.88
N SER A 173 4.65 -23.59 -13.02
CA SER A 173 5.35 -24.48 -12.07
C SER A 173 6.68 -23.89 -11.61
N VAL A 174 7.06 -22.76 -12.20
CA VAL A 174 8.26 -22.01 -11.83
C VAL A 174 7.85 -20.60 -11.43
N PHE A 175 8.29 -20.16 -10.25
CA PHE A 175 7.84 -18.89 -9.69
C PHE A 175 8.98 -18.08 -9.08
N HIS A 176 8.64 -16.85 -8.69
CA HIS A 176 9.58 -15.96 -8.06
C HIS A 176 9.28 -15.72 -6.58
N CYS A 177 8.00 -15.63 -6.23
CA CYS A 177 7.58 -15.20 -4.90
C CYS A 177 6.77 -16.27 -4.18
N PRO A 178 7.28 -16.76 -3.04
CA PRO A 178 6.57 -17.80 -2.29
C PRO A 178 5.31 -17.29 -1.58
N TYR A 179 5.23 -15.98 -1.30
CA TYR A 179 4.01 -15.44 -0.70
C TYR A 179 2.89 -15.47 -1.72
N CYS A 180 3.26 -15.39 -2.99
CA CYS A 180 2.27 -15.41 -4.05
C CYS A 180 1.85 -16.84 -4.43
N HIS A 181 2.77 -17.80 -4.38
CA HIS A 181 2.48 -19.12 -4.95
C HIS A 181 2.91 -20.32 -4.12
N GLY A 182 3.47 -20.08 -2.93
CA GLY A 182 3.94 -21.16 -2.09
C GLY A 182 2.82 -22.01 -1.53
N TYR A 183 1.76 -21.36 -1.05
CA TYR A 183 0.68 -22.07 -0.37
C TYR A 183 0.13 -23.23 -1.19
N GLU A 184 -0.05 -23.00 -2.50
CA GLU A 184 -0.72 -23.96 -3.35
C GLU A 184 0.14 -25.18 -3.68
N LEU A 185 1.38 -25.19 -3.21
CA LEU A 185 2.22 -26.36 -3.36
C LEU A 185 1.85 -27.43 -2.34
N ASP A 186 0.94 -27.10 -1.43
CA ASP A 186 0.40 -28.06 -0.48
C ASP A 186 1.46 -28.77 0.39
N GLY A 187 2.54 -28.06 0.74
CA GLY A 187 3.56 -28.66 1.58
C GLY A 187 4.40 -29.69 0.84
N GLY A 188 4.36 -29.64 -0.50
CA GLY A 188 5.09 -30.60 -1.31
C GLY A 188 6.56 -30.28 -1.48
N ARG A 189 7.20 -30.91 -2.45
CA ARG A 189 8.65 -30.76 -2.66
C ARG A 189 9.00 -29.54 -3.51
N ILE A 190 9.91 -28.74 -3.00
CA ILE A 190 10.20 -27.45 -3.61
C ILE A 190 11.69 -27.33 -3.95
N GLY A 191 11.97 -27.00 -5.20
CA GLY A 191 13.34 -26.77 -5.63
C GLY A 191 13.65 -25.28 -5.68
N VAL A 192 14.73 -24.88 -5.00
CA VAL A 192 15.23 -23.51 -5.08
C VAL A 192 16.41 -23.46 -6.06
N LEU A 193 16.20 -22.83 -7.21
CA LEU A 193 17.21 -22.77 -8.25
C LEU A 193 18.25 -21.72 -7.90
N GLY A 194 19.45 -22.16 -7.57
CA GLY A 194 20.49 -21.26 -7.12
C GLY A 194 21.01 -20.37 -8.23
N SER A 195 21.32 -19.13 -7.89
CA SER A 195 21.90 -18.18 -8.82
C SER A 195 22.64 -17.10 -8.04
N GLY A 196 23.64 -17.51 -7.28
CA GLY A 196 24.45 -16.58 -6.52
C GLY A 196 24.06 -16.51 -5.06
N PRO A 197 24.70 -15.59 -4.32
CA PRO A 197 24.63 -15.45 -2.86
C PRO A 197 23.20 -15.35 -2.32
N LEU A 198 22.38 -14.55 -2.98
CA LEU A 198 21.05 -14.27 -2.48
C LEU A 198 20.13 -15.49 -2.46
N SER A 199 20.41 -16.47 -3.33
CA SER A 199 19.60 -17.68 -3.36
C SER A 199 19.60 -18.43 -2.02
N TYR A 200 20.67 -18.27 -1.26
CA TYR A 200 20.76 -18.84 0.07
C TYR A 200 19.58 -18.42 0.95
N LEU A 201 19.21 -17.15 0.87
CA LEU A 201 18.08 -16.63 1.63
C LEU A 201 16.78 -17.31 1.25
N SER A 202 16.58 -17.47 -0.05
CA SER A 202 15.42 -18.17 -0.57
C SER A 202 15.37 -19.62 -0.03
N ALA A 203 16.50 -20.32 -0.07
CA ALA A 203 16.57 -21.67 0.45
C ALA A 203 16.22 -21.73 1.94
N MET A 204 16.65 -20.74 2.71
CA MET A 204 16.35 -20.71 4.13
C MET A 204 14.86 -20.46 4.38
N LEU A 205 14.22 -19.71 3.48
CA LEU A 205 12.84 -19.33 3.65
C LEU A 205 11.88 -20.46 3.24
N MET A 206 12.23 -21.16 2.17
CA MET A 206 11.33 -22.11 1.52
C MET A 206 10.74 -23.28 2.37
N PRO A 207 11.46 -23.77 3.40
CA PRO A 207 10.81 -24.80 4.23
C PRO A 207 9.48 -24.38 4.89
N GLU A 208 9.18 -23.08 4.93
CA GLU A 208 7.87 -22.63 5.39
C GLU A 208 6.75 -23.26 4.55
N TRP A 209 7.05 -23.55 3.30
CA TRP A 209 6.03 -23.98 2.34
C TRP A 209 6.14 -25.46 1.92
N GLY A 210 7.28 -26.08 2.16
CA GLY A 210 7.42 -27.50 1.89
C GLY A 210 8.86 -27.98 2.01
N GLN A 211 9.06 -29.27 1.76
N GLN A 211 9.07 -29.26 1.75
CA GLN A 211 10.40 -29.85 1.83
CA GLN A 211 10.40 -29.83 1.81
C GLN A 211 11.28 -29.28 0.71
C GLN A 211 11.27 -29.23 0.71
N THR A 212 12.37 -28.63 1.11
CA THR A 212 13.17 -27.83 0.19
C THR A 212 14.50 -28.47 -0.22
N VAL A 213 14.78 -28.39 -1.50
CA VAL A 213 16.11 -28.71 -2.00
C VAL A 213 16.73 -27.46 -2.60
N PHE A 214 17.95 -27.15 -2.14
CA PHE A 214 18.70 -26.02 -2.64
C PHE A 214 19.59 -26.53 -3.76
N LEU A 215 19.18 -26.26 -5.00
CA LEU A 215 19.93 -26.66 -6.18
C LEU A 215 20.93 -25.56 -6.52
N THR A 216 22.14 -25.66 -5.98
CA THR A 216 23.12 -24.58 -6.13
C THR A 216 23.60 -24.41 -7.57
N ASP A 217 23.39 -25.42 -8.41
CA ASP A 217 23.69 -25.31 -9.84
C ASP A 217 25.16 -24.93 -10.07
N ALA A 218 26.03 -25.48 -9.22
CA ALA A 218 27.47 -25.27 -9.28
C ALA A 218 27.88 -23.80 -9.39
N SER A 219 27.11 -22.91 -8.75
CA SER A 219 27.33 -21.46 -8.92
C SER A 219 27.65 -20.77 -7.61
N PHE A 220 27.15 -21.32 -6.51
CA PHE A 220 27.38 -20.72 -5.21
C PHE A 220 27.65 -21.81 -4.20
N GLU A 221 28.77 -21.69 -3.49
CA GLU A 221 29.08 -22.64 -2.43
C GLU A 221 28.79 -21.97 -1.09
N PRO A 222 27.75 -22.44 -0.38
CA PRO A 222 27.49 -21.98 0.98
C PRO A 222 28.70 -22.19 1.86
N ASP A 223 29.00 -21.23 2.74
CA ASP A 223 30.11 -21.39 3.67
C ASP A 223 29.74 -22.38 4.77
N GLU A 224 30.62 -22.52 5.75
CA GLU A 224 30.45 -23.44 6.86
C GLU A 224 29.21 -23.10 7.69
N GLU A 225 29.10 -21.84 8.10
CA GLU A 225 27.96 -21.39 8.89
C GLU A 225 26.65 -21.51 8.11
N GLN A 226 26.71 -21.28 6.80
CA GLN A 226 25.53 -21.37 5.96
C GLN A 226 25.05 -22.80 5.81
N ARG A 227 25.99 -23.72 5.64
CA ARG A 227 25.67 -25.14 5.53
C ARG A 227 25.01 -25.63 6.82
N GLU A 228 25.49 -25.15 7.97
CA GLU A 228 24.90 -25.54 9.25
C GLU A 228 23.48 -25.01 9.39
N ALA A 229 23.29 -23.74 9.05
CA ALA A 229 21.96 -23.13 9.11
C ALA A 229 20.99 -23.87 8.20
N LEU A 230 21.43 -24.19 6.99
CA LEU A 230 20.58 -24.89 6.03
C LEU A 230 20.25 -26.27 6.56
N ALA A 231 21.21 -26.90 7.22
CA ALA A 231 21.00 -28.22 7.79
C ALA A 231 19.91 -28.19 8.86
N ARG A 232 19.94 -27.19 9.73
CA ARG A 232 18.96 -27.14 10.82
C ARG A 232 17.56 -26.72 10.35
N ARG A 233 17.50 -26.15 9.14
CA ARG A 233 16.21 -25.85 8.52
C ARG A 233 15.69 -27.06 7.74
N GLY A 234 16.52 -28.09 7.64
CA GLY A 234 16.13 -29.32 6.95
C GLY A 234 16.19 -29.18 5.44
N VAL A 235 17.09 -28.33 4.97
CA VAL A 235 17.28 -28.10 3.54
C VAL A 235 18.41 -28.97 3.00
N GLU A 236 18.07 -29.79 2.02
CA GLU A 236 19.07 -30.62 1.35
C GLU A 236 19.74 -29.81 0.24
N ILE A 237 21.07 -29.95 0.14
CA ILE A 237 21.82 -29.24 -0.86
C ILE A 237 22.24 -30.17 -1.99
N VAL A 238 21.87 -29.81 -3.22
CA VAL A 238 22.31 -30.55 -4.39
C VAL A 238 23.16 -29.62 -5.25
N ARG A 239 24.43 -29.99 -5.44
CA ARG A 239 25.41 -29.09 -6.05
C ARG A 239 25.61 -29.23 -7.55
N ASP A 240 25.09 -30.31 -8.14
CA ASP A 240 25.37 -30.59 -9.55
C ASP A 240 24.80 -29.53 -10.48
N ARG A 241 25.52 -29.25 -11.55
CA ARG A 241 25.02 -28.33 -12.58
C ARG A 241 23.70 -28.87 -13.16
N ILE A 242 22.78 -27.98 -13.53
CA ILE A 242 21.49 -28.39 -14.06
C ILE A 242 21.51 -28.44 -15.59
N ALA A 243 21.02 -29.52 -16.19
CA ALA A 243 20.94 -29.62 -17.64
C ALA A 243 19.68 -28.96 -18.18
N ARG A 244 18.53 -29.31 -17.61
CA ARG A 244 17.25 -28.77 -18.11
C ARG A 244 16.08 -29.09 -17.18
N ILE A 245 14.96 -28.41 -17.43
CA ILE A 245 13.73 -28.69 -16.71
C ILE A 245 12.80 -29.48 -17.64
N VAL A 246 12.27 -30.60 -17.16
CA VAL A 246 11.33 -31.40 -17.94
C VAL A 246 10.10 -31.69 -17.09
N ASP A 247 9.12 -32.37 -17.68
CA ASP A 247 7.86 -32.65 -17.01
C ASP A 247 7.24 -31.34 -16.49
N ARG A 248 6.55 -31.38 -15.35
CA ARG A 248 6.01 -30.16 -14.76
C ARG A 248 7.12 -29.32 -14.12
N ALA A 249 7.87 -29.92 -13.21
CA ALA A 249 8.92 -29.24 -12.49
C ALA A 249 10.00 -30.22 -12.08
N THR A 250 10.46 -31.02 -13.03
CA THR A 250 11.50 -31.99 -12.75
C THR A 250 12.83 -31.46 -13.27
N VAL A 251 13.83 -31.50 -12.40
CA VAL A 251 15.14 -31.00 -12.76
C VAL A 251 16.05 -32.13 -13.21
N GLU A 252 16.61 -32.02 -14.41
CA GLU A 252 17.57 -33.01 -14.89
C GLU A 252 18.99 -32.48 -14.67
N LEU A 253 19.80 -33.22 -13.93
CA LEU A 253 21.16 -32.78 -13.60
C LEU A 253 22.16 -33.23 -14.66
N ALA A 254 23.36 -32.64 -14.63
CA ALA A 254 24.41 -32.94 -15.60
C ALA A 254 24.78 -34.43 -15.61
N ASP A 255 24.64 -35.11 -14.47
CA ASP A 255 24.96 -36.54 -14.45
C ASP A 255 23.80 -37.44 -14.86
N GLY A 256 22.68 -36.85 -15.25
CA GLY A 256 21.56 -37.64 -15.71
C GLY A 256 20.47 -37.89 -14.68
N ARG A 257 20.78 -37.68 -13.40
CA ARG A 257 19.77 -37.79 -12.36
C ARG A 257 18.58 -36.86 -12.64
N ARG A 258 17.38 -37.31 -12.30
CA ARG A 258 16.22 -36.44 -12.39
C ARG A 258 15.57 -36.37 -11.03
N ILE A 259 15.29 -35.14 -10.59
CA ILE A 259 14.66 -34.92 -9.31
C ILE A 259 13.33 -34.21 -9.52
N ALA A 260 12.24 -34.87 -9.19
CA ALA A 260 10.92 -34.30 -9.39
C ALA A 260 10.54 -33.34 -8.26
N PHE A 261 9.94 -32.21 -8.62
CA PHE A 261 9.48 -31.24 -7.65
C PHE A 261 8.02 -30.87 -7.92
N ASP A 262 7.34 -30.38 -6.90
CA ASP A 262 5.98 -29.88 -7.12
C ASP A 262 5.98 -28.43 -7.60
N GLY A 263 7.10 -27.74 -7.38
CA GLY A 263 7.27 -26.38 -7.86
C GLY A 263 8.73 -25.94 -7.73
N LEU A 264 9.14 -24.97 -8.55
CA LEU A 264 10.49 -24.43 -8.51
C LEU A 264 10.44 -22.92 -8.28
N PHE A 265 11.43 -22.42 -7.54
CA PHE A 265 11.54 -20.99 -7.30
C PHE A 265 12.88 -20.46 -7.77
N THR A 266 12.85 -19.30 -8.39
CA THR A 266 14.08 -18.62 -8.78
C THR A 266 14.05 -17.19 -8.26
N MET A 267 15.19 -16.77 -7.72
CA MET A 267 15.34 -15.40 -7.28
C MET A 267 16.03 -14.65 -8.39
N ASN A 268 15.32 -14.50 -9.49
CA ASN A 268 15.90 -13.97 -10.71
C ASN A 268 16.06 -12.46 -10.68
N ARG A 269 16.97 -11.97 -11.50
CA ARG A 269 17.15 -10.54 -11.68
C ARG A 269 15.96 -9.93 -12.42
N MET A 270 15.75 -8.63 -12.27
N MET A 270 15.73 -8.64 -12.19
CA MET A 270 14.73 -7.93 -13.04
CA MET A 270 14.76 -7.86 -12.93
C MET A 270 15.25 -6.56 -13.52
C MET A 270 15.43 -6.64 -13.54
N ARG A 271 14.76 -6.11 -14.68
N ARG A 271 14.75 -6.02 -14.49
CA ARG A 271 15.14 -4.81 -15.22
CA ARG A 271 15.20 -4.76 -15.05
C ARG A 271 13.94 -3.87 -15.21
C ARG A 271 13.97 -3.88 -15.22
N LEU A 272 14.19 -2.56 -15.25
CA LEU A 272 13.11 -1.60 -15.44
C LEU A 272 12.48 -1.83 -16.82
N SER A 273 11.16 -1.75 -16.92
CA SER A 273 10.49 -1.93 -18.20
C SER A 273 10.87 -0.87 -19.22
N SER A 274 11.29 0.30 -18.75
CA SER A 274 11.45 1.46 -19.61
C SER A 274 12.65 2.32 -19.21
N PRO A 275 13.35 2.89 -20.21
CA PRO A 275 14.44 3.83 -19.94
C PRO A 275 13.94 5.22 -19.54
N VAL A 276 12.64 5.41 -19.51
CA VAL A 276 12.06 6.73 -19.27
C VAL A 276 12.56 7.39 -17.98
N ALA A 277 12.63 6.62 -16.89
CA ALA A 277 13.15 7.14 -15.63
C ALA A 277 14.55 7.69 -15.82
N GLU A 278 15.37 6.94 -16.55
CA GLU A 278 16.75 7.35 -16.83
C GLU A 278 16.82 8.58 -17.73
N GLN A 279 15.90 8.68 -18.69
CA GLN A 279 15.84 9.83 -19.58
C GLN A 279 15.51 11.12 -18.82
N LEU A 280 14.77 10.98 -17.73
CA LEU A 280 14.35 12.13 -16.94
C LEU A 280 15.35 12.43 -15.85
N GLY A 281 16.43 11.65 -15.82
CA GLY A 281 17.49 11.85 -14.87
C GLY A 281 17.13 11.47 -13.44
N CYS A 282 16.13 10.61 -13.27
CA CYS A 282 15.80 10.12 -11.94
C CYS A 282 16.94 9.26 -11.41
N ALA A 283 17.33 9.46 -10.15
CA ALA A 283 18.35 8.62 -9.53
C ALA A 283 17.88 7.17 -9.49
N ILE A 284 18.69 6.29 -10.06
CA ILE A 284 18.42 4.87 -10.08
C ILE A 284 19.48 4.14 -9.26
N GLU A 285 19.05 3.25 -8.36
CA GLU A 285 19.97 2.53 -7.49
C GLU A 285 19.95 1.04 -7.80
N GLU A 286 21.08 0.38 -7.59
CA GLU A 286 21.15 -1.06 -7.79
C GLU A 286 20.72 -1.80 -6.52
N GLY A 287 19.55 -2.43 -6.57
CA GLY A 287 19.10 -3.27 -5.48
C GLY A 287 19.70 -4.66 -5.61
N PRO A 288 19.29 -5.58 -4.72
CA PRO A 288 19.85 -6.93 -4.66
C PRO A 288 19.56 -7.72 -5.94
N LEU A 289 18.44 -7.39 -6.59
CA LEU A 289 18.01 -8.15 -7.76
C LEU A 289 17.95 -7.30 -9.02
N GLY A 290 18.40 -6.05 -8.90
CA GLY A 290 18.41 -5.17 -10.05
C GLY A 290 18.07 -3.74 -9.67
N PRO A 291 17.99 -2.85 -10.66
CA PRO A 291 17.79 -1.42 -10.42
C PRO A 291 16.39 -1.08 -9.93
N TYR A 292 16.29 -0.08 -9.06
CA TYR A 292 15.01 0.52 -8.71
C TYR A 292 15.14 2.04 -8.76
N VAL A 293 14.03 2.72 -9.01
CA VAL A 293 14.02 4.17 -9.08
C VAL A 293 13.91 4.67 -7.66
N ARG A 294 14.89 5.46 -7.22
CA ARG A 294 14.90 6.00 -5.88
C ARG A 294 13.73 6.95 -5.62
N THR A 295 13.16 6.86 -4.43
CA THR A 295 12.09 7.79 -4.04
C THR A 295 12.25 8.19 -2.58
N ASP A 296 11.68 9.35 -2.22
CA ASP A 296 11.53 9.71 -0.82
C ASP A 296 10.29 8.99 -0.25
N ASP A 297 9.93 9.27 1.00
CA ASP A 297 8.83 8.52 1.60
C ASP A 297 7.44 8.98 1.14
N ALA A 298 7.41 9.88 0.16
CA ALA A 298 6.18 10.28 -0.49
C ALA A 298 6.17 9.87 -1.96
N MET A 299 7.04 8.93 -2.32
CA MET A 299 7.14 8.43 -3.69
C MET A 299 7.65 9.44 -4.74
N GLU A 300 8.22 10.56 -4.33
CA GLU A 300 8.80 11.49 -5.31
C GLU A 300 10.22 11.04 -5.69
N THR A 301 10.54 11.05 -6.98
CA THR A 301 11.88 10.72 -7.46
C THR A 301 12.82 11.89 -7.22
N SER A 302 14.06 11.74 -7.64
CA SER A 302 15.05 12.82 -7.49
C SER A 302 14.75 14.00 -8.42
N THR A 303 13.89 13.77 -9.40
CA THR A 303 13.45 14.82 -10.32
C THR A 303 12.10 15.36 -9.86
N PRO A 304 12.05 16.64 -9.50
CA PRO A 304 10.81 17.23 -8.98
C PRO A 304 9.63 17.10 -9.94
N GLY A 305 8.47 16.73 -9.42
CA GLY A 305 7.28 16.58 -10.23
C GLY A 305 7.19 15.20 -10.88
N VAL A 306 8.20 14.37 -10.68
CA VAL A 306 8.15 12.99 -11.14
C VAL A 306 8.10 12.02 -9.97
N PHE A 307 7.06 11.20 -9.94
CA PHE A 307 6.84 10.25 -8.86
C PHE A 307 6.95 8.83 -9.43
N ALA A 308 7.11 7.84 -8.54
CA ALA A 308 7.28 6.47 -8.98
C ALA A 308 6.60 5.54 -7.99
N CYS A 309 6.01 4.46 -8.50
CA CYS A 309 5.36 3.50 -7.62
C CYS A 309 5.37 2.12 -8.24
N GLY A 310 4.98 1.11 -7.46
CA GLY A 310 4.92 -0.25 -7.93
C GLY A 310 6.27 -0.94 -7.86
N ASP A 311 6.47 -1.93 -8.73
CA ASP A 311 7.67 -2.77 -8.67
C ASP A 311 8.96 -2.01 -8.92
N ILE A 312 8.89 -0.85 -9.57
CA ILE A 312 10.13 -0.13 -9.87
C ILE A 312 10.70 0.62 -8.68
N THR A 313 9.98 0.62 -7.56
CA THR A 313 10.47 1.27 -6.33
C THR A 313 10.99 0.24 -5.32
N HIS A 314 11.69 0.75 -4.31
CA HIS A 314 12.50 -0.07 -3.41
C HIS A 314 11.68 -1.12 -2.64
N ARG A 315 10.47 -0.75 -2.23
CA ARG A 315 9.63 -1.64 -1.42
C ARG A 315 8.41 -2.18 -2.15
N GLY A 316 8.53 -2.36 -3.47
CA GLY A 316 7.45 -2.96 -4.25
C GLY A 316 7.61 -4.47 -4.27
N GLY A 317 6.93 -5.13 -5.19
CA GLY A 317 7.11 -6.57 -5.34
C GLY A 317 5.82 -7.39 -5.36
N THR A 318 4.76 -6.86 -4.78
CA THR A 318 3.46 -7.55 -4.82
C THR A 318 2.36 -6.55 -5.21
N VAL A 319 1.18 -7.06 -5.50
CA VAL A 319 0.06 -6.21 -5.89
C VAL A 319 -0.39 -5.32 -4.72
N ALA A 320 -0.50 -5.90 -3.52
CA ALA A 320 -0.87 -5.09 -2.36
C ALA A 320 0.08 -3.90 -2.17
N LEU A 321 1.38 -4.14 -2.33
CA LEU A 321 2.35 -3.06 -2.16
C LEU A 321 2.14 -2.00 -3.22
N ALA A 322 1.90 -2.43 -4.46
CA ALA A 322 1.65 -1.52 -5.57
C ALA A 322 0.39 -0.66 -5.35
N ILE A 323 -0.67 -1.27 -4.83
CA ILE A 323 -1.89 -0.51 -4.57
C ILE A 323 -1.62 0.60 -3.54
N GLY A 324 -0.92 0.24 -2.48
CA GLY A 324 -0.58 1.18 -1.42
C GLY A 324 0.35 2.29 -1.85
N ASN A 325 1.48 1.95 -2.45
CA ASN A 325 2.41 3.02 -2.81
C ASN A 325 1.95 3.79 -4.06
N GLY A 326 1.10 3.16 -4.88
CA GLY A 326 0.45 3.88 -5.96
C GLY A 326 -0.49 4.96 -5.43
N ALA A 327 -1.29 4.62 -4.43
CA ALA A 327 -2.17 5.60 -3.81
C ALA A 327 -1.36 6.76 -3.22
N LEU A 328 -0.26 6.42 -2.56
CA LEU A 328 0.62 7.43 -1.97
C LEU A 328 1.17 8.38 -3.05
N ALA A 329 1.63 7.80 -4.16
CA ALA A 329 2.18 8.59 -5.26
C ALA A 329 1.14 9.55 -5.86
N GLY A 330 -0.10 9.07 -5.99
CA GLY A 330 -1.17 9.88 -6.54
C GLY A 330 -1.53 11.06 -5.65
N ILE A 331 -1.61 10.82 -4.35
CA ILE A 331 -1.95 11.90 -3.42
C ILE A 331 -0.78 12.89 -3.39
N ALA A 332 0.44 12.37 -3.41
CA ALA A 332 1.62 13.25 -3.39
C ALA A 332 1.74 14.09 -4.66
N ALA A 333 1.45 13.48 -5.80
CA ALA A 333 1.45 14.20 -7.06
C ALA A 333 0.39 15.32 -7.03
N HIS A 334 -0.77 15.02 -6.45
CA HIS A 334 -1.80 16.05 -6.35
C HIS A 334 -1.38 17.21 -5.44
N ARG A 335 -0.82 16.88 -4.29
CA ARG A 335 -0.33 17.90 -3.38
C ARG A 335 0.65 18.82 -4.08
N LYS A 336 1.55 18.26 -4.88
CA LYS A 336 2.50 19.10 -5.59
C LYS A 336 1.83 19.99 -6.65
N LEU A 337 0.78 19.46 -7.28
CA LEU A 337 0.00 20.26 -8.23
C LEU A 337 -0.53 21.53 -7.58
N VAL A 338 -1.12 21.35 -6.41
CA VAL A 338 -1.80 22.43 -5.71
C VAL A 338 -0.82 23.40 -5.10
N PHE A 339 0.18 22.89 -4.40
CA PHE A 339 1.08 23.78 -3.65
C PHE A 339 2.37 24.12 -4.37
N GLY A 340 2.65 23.44 -5.48
CA GLY A 340 3.88 23.68 -6.21
C GLY A 340 5.06 22.88 -5.66
N LEU B 48 -1.36 -21.13 21.54
CA LEU B 48 -0.20 -20.31 21.17
C LEU B 48 -0.13 -20.01 19.66
N PHE B 49 0.22 -18.79 19.30
CA PHE B 49 0.30 -18.38 17.89
C PHE B 49 1.67 -17.87 17.48
N ASP B 50 1.96 -17.92 16.18
CA ASP B 50 3.20 -17.33 15.67
C ASP B 50 3.12 -15.80 15.68
N VAL B 51 1.98 -15.28 15.23
CA VAL B 51 1.76 -13.84 15.20
C VAL B 51 0.34 -13.54 15.65
N ILE B 52 0.18 -12.51 16.47
CA ILE B 52 -1.14 -11.99 16.75
C ILE B 52 -1.27 -10.58 16.18
N VAL B 53 -2.33 -10.34 15.42
CA VAL B 53 -2.60 -9.04 14.86
C VAL B 53 -3.66 -8.37 15.72
N ILE B 54 -3.33 -7.22 16.28
CA ILE B 54 -4.28 -6.49 17.11
C ILE B 54 -5.00 -5.45 16.26
N GLY B 55 -6.24 -5.76 15.91
CA GLY B 55 -7.02 -4.93 15.02
C GLY B 55 -7.25 -5.70 13.73
N GLY B 56 -8.53 -5.85 13.36
CA GLY B 56 -8.89 -6.66 12.20
C GLY B 56 -9.65 -5.92 11.11
N SER B 57 -9.31 -4.65 10.91
CA SER B 57 -9.83 -3.93 9.76
C SER B 57 -8.86 -4.05 8.59
N HIS B 58 -8.80 -3.04 7.73
CA HIS B 58 -8.06 -3.14 6.46
C HIS B 58 -6.56 -3.44 6.64
N ALA B 59 -5.91 -2.76 7.56
CA ALA B 59 -4.49 -2.97 7.77
C ALA B 59 -4.20 -4.36 8.34
N GLY B 60 -4.96 -4.76 9.37
CA GLY B 60 -4.76 -6.02 10.05
C GLY B 60 -5.05 -7.23 9.21
N GLN B 61 -6.11 -7.16 8.40
CA GLN B 61 -6.45 -8.24 7.50
C GLN B 61 -5.37 -8.39 6.45
N SER B 62 -4.87 -7.27 5.93
CA SER B 62 -3.79 -7.34 4.94
C SER B 62 -2.54 -8.01 5.53
N ALA B 63 -2.15 -7.60 6.74
CA ALA B 63 -1.02 -8.23 7.42
C ALA B 63 -1.26 -9.72 7.67
N ALA B 64 -2.42 -10.05 8.23
CA ALA B 64 -2.70 -11.42 8.63
C ALA B 64 -2.73 -12.35 7.42
N LEU B 65 -3.16 -11.82 6.28
CA LEU B 65 -3.23 -12.59 5.05
C LEU B 65 -1.82 -13.04 4.59
N GLN B 66 -0.83 -12.16 4.68
CA GLN B 66 0.53 -12.54 4.32
C GLN B 66 1.03 -13.69 5.21
N ILE B 67 0.76 -13.59 6.50
CA ILE B 67 1.18 -14.63 7.46
C ILE B 67 0.41 -15.93 7.24
N ALA B 68 -0.88 -15.84 6.98
CA ALA B 68 -1.65 -17.06 6.70
C ALA B 68 -1.11 -17.75 5.45
N ARG B 69 -0.75 -16.97 4.45
CA ARG B 69 -0.23 -17.56 3.21
C ARG B 69 1.18 -18.12 3.38
N ALA B 70 1.84 -17.78 4.48
CA ALA B 70 3.13 -18.36 4.78
C ALA B 70 3.00 -19.60 5.67
N ARG B 71 1.78 -20.12 5.80
CA ARG B 71 1.49 -21.31 6.62
C ARG B 71 1.94 -21.19 8.06
N ARG B 72 1.82 -19.99 8.62
CA ARG B 72 2.11 -19.82 10.03
C ARG B 72 0.80 -19.59 10.75
N ARG B 73 0.81 -19.70 12.07
CA ARG B 73 -0.41 -19.55 12.85
C ARG B 73 -0.62 -18.10 13.24
N VAL B 74 -1.70 -17.52 12.73
CA VAL B 74 -1.97 -16.11 12.99
C VAL B 74 -3.35 -15.94 13.63
N LEU B 75 -3.40 -15.14 14.69
CA LEU B 75 -4.67 -14.79 15.33
C LEU B 75 -4.92 -13.30 15.14
N VAL B 76 -6.14 -12.96 14.74
CA VAL B 76 -6.55 -11.57 14.67
C VAL B 76 -7.50 -11.31 15.83
N ILE B 77 -7.17 -10.31 16.65
CA ILE B 77 -8.05 -9.88 17.72
C ILE B 77 -8.60 -8.51 17.40
N ASP B 78 -9.91 -8.43 17.23
CA ASP B 78 -10.53 -7.21 16.73
C ASP B 78 -11.75 -6.78 17.52
N ALA B 79 -11.80 -5.49 17.85
CA ALA B 79 -12.87 -4.96 18.70
C ALA B 79 -14.09 -4.50 17.92
N GLY B 80 -14.02 -4.56 16.59
CA GLY B 80 -15.19 -4.34 15.76
C GLY B 80 -15.69 -2.91 15.64
N ALA B 81 -14.78 -1.95 15.58
CA ALA B 81 -15.18 -0.55 15.45
C ALA B 81 -14.22 0.19 14.52
N ARG B 82 -14.46 0.06 13.22
CA ARG B 82 -13.59 0.65 12.22
C ARG B 82 -13.79 2.16 12.18
N ARG B 83 -12.73 2.88 11.88
CA ARG B 83 -12.80 4.33 11.78
C ARG B 83 -13.82 4.78 10.73
N ASN B 84 -13.93 4.02 9.63
CA ASN B 84 -14.82 4.38 8.51
C ASN B 84 -16.25 3.85 8.61
N ARG B 85 -16.67 3.43 9.79
CA ARG B 85 -17.99 2.84 9.98
C ARG B 85 -19.15 3.84 9.86
N PHE B 86 -18.82 5.12 9.68
CA PHE B 86 -19.82 6.17 9.68
C PHE B 86 -20.29 6.52 8.27
N ALA B 87 -19.48 6.24 7.26
CA ALA B 87 -19.82 6.52 5.87
C ALA B 87 -20.45 5.32 5.17
N SER B 88 -21.41 5.55 4.29
CA SER B 88 -22.09 4.45 3.61
C SER B 88 -21.32 3.89 2.41
N GLN B 89 -20.39 4.68 1.86
CA GLN B 89 -19.57 4.22 0.74
C GLN B 89 -18.11 4.50 0.99
N SER B 90 -17.24 3.61 0.50
CA SER B 90 -15.81 3.82 0.54
C SER B 90 -15.32 4.22 -0.86
N HIS B 91 -14.33 5.10 -0.94
CA HIS B 91 -13.77 5.51 -2.22
C HIS B 91 -12.26 5.45 -2.25
N GLY B 92 -11.70 5.37 -3.45
CA GLY B 92 -10.27 5.53 -3.62
C GLY B 92 -9.46 4.25 -3.52
N VAL B 93 -10.13 3.11 -3.36
CA VAL B 93 -9.43 1.82 -3.35
C VAL B 93 -9.67 1.17 -4.68
N ILE B 94 -8.62 1.08 -5.48
CA ILE B 94 -8.75 0.52 -6.82
C ILE B 94 -9.24 -0.92 -6.69
N GLY B 95 -10.33 -1.25 -7.38
CA GLY B 95 -10.97 -2.55 -7.24
C GLY B 95 -12.21 -2.50 -6.35
N GLN B 96 -12.28 -1.51 -5.48
CA GLN B 96 -13.35 -1.40 -4.49
C GLN B 96 -13.99 -0.01 -4.44
N ASP B 97 -13.74 0.84 -5.44
CA ASP B 97 -14.25 2.21 -5.42
C ASP B 97 -15.78 2.24 -5.46
N GLY B 98 -16.38 2.83 -4.43
CA GLY B 98 -17.83 2.95 -4.35
C GLY B 98 -18.56 1.87 -3.56
N ARG B 99 -17.85 0.79 -3.21
N ARG B 99 -17.85 0.79 -3.22
CA ARG B 99 -18.47 -0.30 -2.48
CA ARG B 99 -18.44 -0.31 -2.48
C ARG B 99 -18.72 0.04 -1.02
C ARG B 99 -18.72 0.05 -1.02
N SER B 100 -19.50 -0.79 -0.34
CA SER B 100 -19.84 -0.55 1.06
C SER B 100 -18.68 -0.91 1.96
N PRO B 101 -18.35 -0.04 2.93
CA PRO B 101 -17.24 -0.34 3.83
C PRO B 101 -17.48 -1.64 4.62
N ASP B 102 -18.72 -1.89 5.03
CA ASP B 102 -19.04 -3.14 5.74
C ASP B 102 -18.84 -4.37 4.84
N ALA B 103 -19.18 -4.24 3.57
CA ALA B 103 -19.03 -5.35 2.62
C ALA B 103 -17.56 -5.65 2.36
N ILE B 104 -16.77 -4.58 2.22
CA ILE B 104 -15.33 -4.74 2.01
C ILE B 104 -14.72 -5.54 3.16
N ALA B 105 -15.07 -5.13 4.38
CA ALA B 105 -14.50 -5.74 5.59
C ALA B 105 -14.97 -7.17 5.77
N ALA B 106 -16.22 -7.43 5.44
CA ALA B 106 -16.76 -8.77 5.53
C ALA B 106 -16.07 -9.74 4.55
N ASP B 107 -15.93 -9.32 3.30
CA ASP B 107 -15.24 -10.12 2.29
C ASP B 107 -13.81 -10.42 2.72
N GLY B 108 -13.11 -9.39 3.19
CA GLY B 108 -11.74 -9.55 3.64
C GLY B 108 -11.65 -10.58 4.75
N LYS B 109 -12.55 -10.49 5.72
CA LYS B 109 -12.59 -11.44 6.83
C LYS B 109 -12.81 -12.87 6.32
N ALA B 110 -13.75 -13.03 5.39
CA ALA B 110 -14.02 -14.35 4.80
C ALA B 110 -12.79 -14.92 4.09
N GLN B 111 -12.09 -14.08 3.32
CA GLN B 111 -10.92 -14.56 2.61
C GLN B 111 -9.81 -14.97 3.56
N LEU B 112 -9.66 -14.23 4.65
CA LEU B 112 -8.64 -14.56 5.63
C LEU B 112 -8.99 -15.88 6.32
N LEU B 113 -10.25 -16.02 6.73
CA LEU B 113 -10.65 -17.19 7.48
C LEU B 113 -10.76 -18.45 6.63
N ALA B 114 -10.70 -18.31 5.31
CA ALA B 114 -10.63 -19.48 4.43
C ALA B 114 -9.37 -20.31 4.70
N TYR B 115 -8.38 -19.68 5.35
CA TYR B 115 -7.14 -20.36 5.72
C TYR B 115 -7.24 -20.90 7.14
N PRO B 116 -7.21 -22.24 7.30
CA PRO B 116 -7.40 -22.88 8.60
C PRO B 116 -6.37 -22.44 9.66
N ASN B 117 -5.18 -22.04 9.23
CA ASN B 117 -4.18 -21.56 10.18
C ASN B 117 -4.41 -20.10 10.64
N ALA B 118 -5.50 -19.49 10.18
CA ALA B 118 -5.89 -18.15 10.63
C ALA B 118 -7.09 -18.24 11.57
N GLN B 119 -7.02 -17.54 12.70
CA GLN B 119 -8.12 -17.52 13.65
C GLN B 119 -8.55 -16.08 13.92
N TRP B 120 -9.80 -15.92 14.35
CA TRP B 120 -10.36 -14.60 14.64
C TRP B 120 -10.99 -14.62 16.04
N ARG B 121 -10.76 -13.56 16.81
CA ARG B 121 -11.49 -13.35 18.06
C ARG B 121 -12.09 -11.95 18.09
N GLU B 122 -13.38 -11.87 18.41
CA GLU B 122 -14.04 -10.59 18.61
C GLU B 122 -13.87 -10.17 20.06
N ASP B 123 -12.88 -9.33 20.30
CA ASP B 123 -12.51 -8.93 21.65
C ASP B 123 -11.68 -7.68 21.56
N SER B 124 -11.23 -7.19 22.70
CA SER B 124 -10.41 -6.01 22.76
C SER B 124 -9.19 -6.29 23.63
N VAL B 125 -7.99 -6.11 23.09
CA VAL B 125 -6.78 -6.27 23.90
C VAL B 125 -6.64 -5.07 24.83
N VAL B 126 -6.51 -5.32 26.13
CA VAL B 126 -6.37 -4.24 27.10
C VAL B 126 -4.97 -4.13 27.72
N ARG B 127 -4.16 -5.16 27.57
N ARG B 127 -4.15 -5.16 27.55
CA ARG B 127 -2.80 -5.14 28.09
CA ARG B 127 -2.80 -5.14 28.12
C ARG B 127 -1.89 -6.06 27.30
C ARG B 127 -1.86 -6.08 27.38
N ALA B 128 -0.67 -5.59 27.04
CA ALA B 128 0.33 -6.38 26.32
C ALA B 128 1.64 -6.29 27.06
N GLU B 129 2.35 -7.40 27.17
CA GLU B 129 3.61 -7.41 27.88
C GLU B 129 4.59 -8.41 27.28
N ARG B 130 5.88 -8.13 27.44
CA ARG B 130 6.92 -9.01 26.94
C ARG B 130 7.15 -10.18 27.89
N SER B 131 7.46 -11.33 27.30
CA SER B 131 8.00 -12.46 28.05
C SER B 131 9.25 -12.82 27.29
N ASP B 132 10.08 -13.68 27.86
CA ASP B 132 11.25 -14.14 27.14
C ASP B 132 10.82 -14.85 25.86
N ALA B 133 9.77 -15.66 25.97
CA ALA B 133 9.22 -16.38 24.83
C ALA B 133 8.68 -15.43 23.74
N GLY B 134 8.00 -14.38 24.15
CA GLY B 134 7.46 -13.44 23.20
C GLY B 134 6.58 -12.41 23.87
N TYR B 135 5.28 -12.49 23.60
CA TYR B 135 4.35 -11.52 24.11
C TYR B 135 3.10 -12.18 24.65
N THR B 136 2.53 -11.57 25.68
CA THR B 136 1.30 -12.06 26.28
C THR B 136 0.24 -10.96 26.23
N LEU B 137 -0.93 -11.29 25.69
CA LEU B 137 -2.03 -10.35 25.59
C LEU B 137 -3.14 -10.71 26.58
N ILE B 138 -3.70 -9.70 27.23
CA ILE B 138 -4.90 -9.88 28.05
C ILE B 138 -6.02 -9.07 27.43
N CYS B 139 -7.18 -9.70 27.24
CA CYS B 139 -8.32 -9.04 26.62
C CYS B 139 -9.37 -8.63 27.65
N ALA B 140 -10.30 -7.79 27.24
CA ALA B 140 -11.33 -7.28 28.14
C ALA B 140 -12.22 -8.40 28.66
N SER B 141 -12.25 -9.50 27.92
CA SER B 141 -12.98 -10.69 28.33
C SER B 141 -12.24 -11.42 29.45
N GLY B 142 -10.99 -11.04 29.67
CA GLY B 142 -10.15 -11.70 30.65
C GLY B 142 -9.40 -12.88 30.05
N GLN B 143 -9.54 -13.04 28.74
CA GLN B 143 -8.88 -14.13 28.02
C GLN B 143 -7.41 -13.80 27.79
N HIS B 144 -6.55 -14.82 27.84
CA HIS B 144 -5.12 -14.67 27.62
C HIS B 144 -4.71 -15.23 26.26
N TYR B 145 -3.83 -14.53 25.56
CA TYR B 145 -3.24 -15.03 24.32
C TYR B 145 -1.74 -14.83 24.30
N ARG B 146 -1.05 -15.68 23.56
CA ARG B 146 0.41 -15.70 23.56
C ARG B 146 0.88 -15.80 22.12
N ALA B 147 2.01 -15.15 21.81
CA ALA B 147 2.57 -15.19 20.47
C ALA B 147 4.03 -14.82 20.42
N CYS B 148 4.67 -15.19 19.32
CA CYS B 148 6.08 -14.89 19.12
C CYS B 148 6.24 -13.43 18.70
N GLN B 149 5.32 -12.94 17.89
CA GLN B 149 5.38 -11.57 17.43
C GLN B 149 4.02 -10.88 17.36
N LEU B 150 4.03 -9.56 17.35
CA LEU B 150 2.82 -8.76 17.30
C LEU B 150 2.80 -7.86 16.07
N VAL B 151 1.62 -7.72 15.48
CA VAL B 151 1.39 -6.66 14.50
C VAL B 151 0.30 -5.75 15.08
N LEU B 152 0.64 -4.47 15.24
CA LEU B 152 -0.34 -3.51 15.75
C LEU B 152 -1.06 -2.87 14.58
N ALA B 153 -2.39 -2.96 14.60
CA ALA B 153 -3.21 -2.48 13.49
C ALA B 153 -4.54 -1.97 14.03
N PHE B 154 -4.50 -1.27 15.17
CA PHE B 154 -5.71 -0.96 15.91
C PHE B 154 -6.28 0.42 15.58
N GLY B 155 -5.61 1.16 14.70
CA GLY B 155 -6.16 2.39 14.16
C GLY B 155 -6.19 3.57 15.11
N VAL B 156 -6.79 4.67 14.66
CA VAL B 156 -6.92 5.86 15.47
C VAL B 156 -8.39 6.20 15.69
N VAL B 157 -8.65 7.11 16.63
CA VAL B 157 -10.00 7.56 16.90
C VAL B 157 -10.08 9.07 16.68
N ASP B 158 -11.03 9.52 15.86
CA ASP B 158 -11.19 10.96 15.61
C ASP B 158 -11.70 11.66 16.86
N GLU B 159 -10.99 12.71 17.24
CA GLU B 159 -11.41 13.56 18.34
C GLU B 159 -12.10 14.80 17.78
N LEU B 160 -13.42 14.76 17.81
CA LEU B 160 -14.21 15.84 17.23
C LEU B 160 -14.33 17.00 18.19
N PRO B 161 -14.22 18.23 17.66
CA PRO B 161 -14.44 19.46 18.44
C PRO B 161 -15.82 19.39 19.08
N GLU B 162 -15.97 19.99 20.25
CA GLU B 162 -17.30 20.09 20.82
C GLU B 162 -18.02 21.23 20.11
N LEU B 163 -18.86 20.84 19.17
CA LEU B 163 -19.63 21.78 18.38
C LEU B 163 -20.97 21.12 18.18
N GLU B 164 -22.03 21.78 18.63
CA GLU B 164 -23.39 21.25 18.51
C GLU B 164 -23.71 20.89 17.06
N GLY B 165 -24.18 19.66 16.86
CA GLY B 165 -24.59 19.22 15.53
C GLY B 165 -23.50 18.54 14.71
N LEU B 166 -22.26 18.65 15.17
CA LEU B 166 -21.13 18.13 14.41
C LEU B 166 -21.06 16.60 14.43
N GLU B 167 -21.19 16.01 15.61
CA GLU B 167 -21.05 14.57 15.77
C GLU B 167 -22.13 13.79 15.02
N GLU B 168 -23.35 14.30 15.05
CA GLU B 168 -24.47 13.61 14.43
C GLU B 168 -24.39 13.58 12.90
N ARG B 169 -23.56 14.47 12.36
CA ARG B 169 -23.35 14.54 10.91
C ARG B 169 -22.05 13.88 10.44
N TRP B 170 -21.24 13.43 11.38
CA TRP B 170 -19.94 12.83 11.05
C TRP B 170 -20.10 11.69 10.06
N GLY B 171 -19.41 11.78 8.93
CA GLY B 171 -19.48 10.75 7.91
C GLY B 171 -20.64 10.90 6.93
N GLU B 172 -21.50 11.88 7.18
CA GLU B 172 -22.66 12.11 6.30
C GLU B 172 -22.55 13.42 5.53
N SER B 173 -22.30 14.52 6.23
CA SER B 173 -22.08 15.82 5.61
C SER B 173 -20.83 16.51 6.19
N VAL B 174 -20.28 15.94 7.25
CA VAL B 174 -19.01 16.40 7.79
C VAL B 174 -17.96 15.30 7.64
N PHE B 175 -16.78 15.66 7.13
CA PHE B 175 -15.74 14.69 6.78
C PHE B 175 -14.36 15.14 7.21
N HIS B 176 -13.39 14.23 7.12
CA HIS B 176 -12.00 14.56 7.44
C HIS B 176 -11.16 14.65 6.18
N CYS B 177 -11.39 13.76 5.23
CA CYS B 177 -10.50 13.61 4.09
C CYS B 177 -11.17 13.88 2.75
N PRO B 178 -10.71 14.90 2.03
CA PRO B 178 -11.32 15.24 0.74
C PRO B 178 -10.99 14.25 -0.38
N TYR B 179 -9.94 13.44 -0.25
CA TYR B 179 -9.69 12.42 -1.25
C TYR B 179 -10.74 11.32 -1.14
N CYS B 180 -11.30 11.19 0.06
CA CYS B 180 -12.27 10.15 0.36
C CYS B 180 -13.69 10.57 0.04
N HIS B 181 -13.99 11.87 0.24
CA HIS B 181 -15.38 12.32 0.15
C HIS B 181 -15.61 13.65 -0.58
N GLY B 182 -14.57 14.20 -1.19
CA GLY B 182 -14.68 15.49 -1.86
C GLY B 182 -15.43 15.44 -3.18
N TYR B 183 -15.13 14.41 -3.98
CA TYR B 183 -15.68 14.28 -5.32
C TYR B 183 -17.21 14.32 -5.31
N GLU B 184 -17.82 13.64 -4.35
CA GLU B 184 -19.27 13.51 -4.30
C GLU B 184 -19.99 14.82 -3.96
N LEU B 185 -19.23 15.85 -3.61
CA LEU B 185 -19.82 17.16 -3.37
C LEU B 185 -20.18 17.87 -4.68
N ASP B 186 -19.68 17.35 -5.80
CA ASP B 186 -20.03 17.85 -7.13
C ASP B 186 -19.80 19.35 -7.32
N GLY B 187 -18.66 19.85 -6.87
CA GLY B 187 -18.31 21.24 -7.07
C GLY B 187 -19.15 22.24 -6.28
N GLY B 188 -19.82 21.74 -5.24
CA GLY B 188 -20.69 22.58 -4.43
C GLY B 188 -19.96 23.40 -3.38
N ARG B 189 -20.72 23.93 -2.43
N ARG B 189 -20.72 23.89 -2.41
CA ARG B 189 -20.17 24.81 -1.41
CA ARG B 189 -20.20 24.79 -1.39
C ARG B 189 -19.60 24.00 -0.25
C ARG B 189 -19.60 24.00 -0.24
N ILE B 190 -18.33 24.27 0.07
CA ILE B 190 -17.64 23.54 1.13
C ILE B 190 -17.13 24.48 2.20
N GLY B 191 -17.41 24.16 3.46
CA GLY B 191 -16.84 24.88 4.58
C GLY B 191 -15.72 24.10 5.24
N VAL B 192 -14.60 24.77 5.47
CA VAL B 192 -13.48 24.18 6.19
C VAL B 192 -13.55 24.66 7.63
N LEU B 193 -13.78 23.75 8.57
CA LEU B 193 -13.85 24.12 9.97
C LEU B 193 -12.46 24.23 10.52
N GLY B 194 -12.03 25.46 10.80
CA GLY B 194 -10.69 25.71 11.29
C GLY B 194 -10.50 25.27 12.73
N SER B 195 -9.30 24.78 13.02
CA SER B 195 -8.97 24.32 14.36
C SER B 195 -7.46 24.40 14.59
N GLY B 196 -6.82 25.36 13.92
CA GLY B 196 -5.38 25.50 14.05
C GLY B 196 -4.70 25.90 12.76
N PRO B 197 -3.37 26.03 12.80
CA PRO B 197 -2.56 26.48 11.66
C PRO B 197 -2.65 25.53 10.47
N LEU B 198 -2.81 24.23 10.72
CA LEU B 198 -2.89 23.28 9.62
C LEU B 198 -4.18 23.43 8.81
N SER B 199 -5.22 23.97 9.43
CA SER B 199 -6.48 24.23 8.73
C SER B 199 -6.29 25.11 7.49
N TYR B 200 -5.31 26.00 7.55
CA TYR B 200 -4.95 26.83 6.40
C TYR B 200 -4.68 25.97 5.16
N LEU B 201 -3.95 24.88 5.35
CA LEU B 201 -3.65 23.98 4.25
C LEU B 201 -4.91 23.36 3.68
N SER B 202 -5.82 22.97 4.56
CA SER B 202 -7.06 22.39 4.11
C SER B 202 -7.85 23.42 3.31
N ALA B 203 -7.82 24.67 3.78
CA ALA B 203 -8.51 25.74 3.07
C ALA B 203 -7.90 25.98 1.69
N MET B 204 -6.58 25.83 1.57
CA MET B 204 -5.92 25.99 0.26
C MET B 204 -6.19 24.81 -0.67
N LEU B 205 -6.45 23.64 -0.09
CA LEU B 205 -6.64 22.43 -0.89
C LEU B 205 -8.09 22.35 -1.41
N MET B 206 -9.02 22.72 -0.55
CA MET B 206 -10.45 22.51 -0.80
C MET B 206 -11.05 23.03 -2.11
N PRO B 207 -10.56 24.16 -2.64
CA PRO B 207 -11.12 24.62 -3.94
C PRO B 207 -10.95 23.63 -5.08
N GLU B 208 -10.11 22.61 -4.91
CA GLU B 208 -10.04 21.53 -5.91
C GLU B 208 -11.43 20.91 -6.06
N TRP B 209 -12.20 20.89 -4.99
CA TRP B 209 -13.48 20.18 -4.96
C TRP B 209 -14.73 21.07 -4.98
N GLY B 210 -14.58 22.36 -4.67
CA GLY B 210 -15.72 23.27 -4.70
C GLY B 210 -15.45 24.65 -4.14
N GLN B 211 -16.47 25.51 -4.20
CA GLN B 211 -16.40 26.86 -3.65
C GLN B 211 -16.18 26.78 -2.14
N THR B 212 -15.05 27.31 -1.69
CA THR B 212 -14.62 27.10 -0.31
C THR B 212 -14.72 28.35 0.57
N VAL B 213 -15.22 28.16 1.79
CA VAL B 213 -15.14 29.17 2.83
C VAL B 213 -14.32 28.61 4.00
N PHE B 214 -13.32 29.39 4.41
CA PHE B 214 -12.50 29.05 5.56
C PHE B 214 -13.17 29.64 6.80
N LEU B 215 -13.74 28.78 7.64
CA LEU B 215 -14.32 29.18 8.91
C LEU B 215 -13.29 29.00 10.02
N THR B 216 -12.64 30.07 10.41
CA THR B 216 -11.56 29.96 11.40
C THR B 216 -12.09 29.66 12.81
N ASP B 217 -13.36 29.96 13.04
CA ASP B 217 -13.98 29.76 14.34
C ASP B 217 -13.16 30.43 15.43
N ALA B 218 -12.57 31.57 15.09
CA ALA B 218 -11.68 32.31 15.98
C ALA B 218 -10.68 31.38 16.66
N SER B 219 -9.82 30.73 15.86
CA SER B 219 -8.83 29.80 16.40
C SER B 219 -7.52 29.89 15.63
N PHE B 220 -7.50 30.75 14.63
CA PHE B 220 -6.33 30.94 13.79
C PHE B 220 -6.45 32.20 12.96
N GLU B 221 -5.45 33.06 13.03
CA GLU B 221 -5.43 34.24 12.20
C GLU B 221 -4.41 34.07 11.08
N PRO B 222 -4.92 33.83 9.86
CA PRO B 222 -4.08 33.73 8.67
C PRO B 222 -3.27 35.02 8.54
N ASP B 223 -1.94 34.93 8.49
CA ASP B 223 -1.10 36.12 8.40
C ASP B 223 -1.35 36.89 7.10
N GLU B 224 -0.62 37.99 6.94
CA GLU B 224 -0.78 38.85 5.77
C GLU B 224 -0.60 38.09 4.44
N GLU B 225 0.43 37.26 4.34
CA GLU B 225 0.70 36.51 3.12
C GLU B 225 -0.34 35.42 2.84
N GLN B 226 -0.80 34.77 3.91
CA GLN B 226 -1.80 33.71 3.80
C GLN B 226 -3.16 34.27 3.41
N ARG B 227 -3.49 35.42 4.00
CA ARG B 227 -4.72 36.12 3.66
C ARG B 227 -4.72 36.44 2.16
N GLU B 228 -3.56 36.87 1.68
CA GLU B 228 -3.39 37.19 0.27
C GLU B 228 -3.41 35.91 -0.59
N ALA B 229 -2.79 34.84 -0.09
CA ALA B 229 -2.79 33.56 -0.79
C ALA B 229 -4.20 32.97 -0.89
N LEU B 230 -4.95 33.03 0.21
CA LEU B 230 -6.31 32.53 0.24
C LEU B 230 -7.18 33.30 -0.76
N ALA B 231 -6.90 34.60 -0.89
CA ALA B 231 -7.66 35.45 -1.81
C ALA B 231 -7.40 35.09 -3.27
N ARG B 232 -6.17 34.67 -3.58
CA ARG B 232 -5.82 34.25 -4.94
C ARG B 232 -6.54 32.97 -5.33
N ARG B 233 -6.80 32.12 -4.34
CA ARG B 233 -7.41 30.83 -4.57
C ARG B 233 -8.93 30.92 -4.58
N GLY B 234 -9.45 32.10 -4.24
CA GLY B 234 -10.89 32.33 -4.21
C GLY B 234 -11.56 31.83 -2.94
N VAL B 235 -10.81 31.83 -1.84
CA VAL B 235 -11.34 31.34 -0.56
C VAL B 235 -11.73 32.48 0.38
N GLU B 236 -13.02 32.62 0.64
CA GLU B 236 -13.49 33.61 1.61
C GLU B 236 -13.16 33.12 3.03
N ILE B 237 -12.83 34.07 3.91
CA ILE B 237 -12.48 33.76 5.28
C ILE B 237 -13.53 34.32 6.21
N VAL B 238 -14.11 33.47 7.04
CA VAL B 238 -15.07 33.91 8.03
C VAL B 238 -14.53 33.61 9.42
N ARG B 239 -14.33 34.65 10.21
CA ARG B 239 -13.56 34.51 11.46
C ARG B 239 -14.43 34.34 12.69
N ASP B 240 -15.72 34.55 12.50
CA ASP B 240 -16.67 34.53 13.60
C ASP B 240 -16.78 33.17 14.28
N ARG B 241 -17.10 33.20 15.57
CA ARG B 241 -17.29 31.98 16.34
C ARG B 241 -18.55 31.22 15.87
N ILE B 242 -18.45 29.89 15.80
CA ILE B 242 -19.54 29.07 15.32
C ILE B 242 -20.40 28.52 16.46
N ALA B 243 -21.71 28.74 16.38
CA ALA B 243 -22.62 28.31 17.45
C ALA B 243 -23.01 26.84 17.30
N ARG B 244 -23.37 26.42 16.09
CA ARG B 244 -23.83 25.06 15.86
C ARG B 244 -23.88 24.74 14.37
N ILE B 245 -24.10 23.47 14.05
CA ILE B 245 -24.38 23.05 12.68
C ILE B 245 -25.83 22.64 12.60
N VAL B 246 -26.56 23.20 11.65
CA VAL B 246 -27.96 22.83 11.46
C VAL B 246 -28.23 22.35 10.04
N ASP B 247 -29.44 21.85 9.83
CA ASP B 247 -29.84 21.28 8.54
C ASP B 247 -28.82 20.23 8.11
N ARG B 248 -28.42 20.28 6.85
CA ARG B 248 -27.47 19.32 6.34
C ARG B 248 -26.04 19.69 6.73
N ALA B 249 -25.60 20.87 6.32
CA ALA B 249 -24.30 21.39 6.72
C ALA B 249 -24.35 22.90 6.76
N THR B 250 -25.33 23.45 7.45
CA THR B 250 -25.42 24.90 7.58
C THR B 250 -24.83 25.33 8.91
N VAL B 251 -23.91 26.27 8.84
CA VAL B 251 -23.25 26.78 10.02
C VAL B 251 -24.01 28.00 10.56
N GLU B 252 -24.33 27.96 11.85
CA GLU B 252 -24.90 29.12 12.54
C GLU B 252 -23.79 29.79 13.34
N LEU B 253 -23.58 31.08 13.11
CA LEU B 253 -22.55 31.80 13.84
C LEU B 253 -23.09 32.40 15.15
N ALA B 254 -22.16 32.80 16.02
CA ALA B 254 -22.51 33.38 17.31
C ALA B 254 -23.41 34.61 17.17
N ASP B 255 -23.25 35.36 16.09
CA ASP B 255 -24.05 36.57 15.89
C ASP B 255 -25.42 36.32 15.24
N GLY B 256 -25.71 35.05 14.94
CA GLY B 256 -26.99 34.68 14.37
C GLY B 256 -26.96 34.44 12.87
N ARG B 257 -25.86 34.83 12.23
CA ARG B 257 -25.72 34.64 10.79
C ARG B 257 -25.66 33.16 10.47
N ARG B 258 -26.09 32.82 9.25
CA ARG B 258 -26.07 31.43 8.78
C ARG B 258 -25.39 31.37 7.44
N ILE B 259 -24.55 30.36 7.25
CA ILE B 259 -23.93 30.11 5.97
C ILE B 259 -24.17 28.66 5.55
N ALA B 260 -24.88 28.47 4.43
CA ALA B 260 -25.24 27.14 3.97
C ALA B 260 -24.10 26.47 3.21
N PHE B 261 -23.83 25.20 3.53
CA PHE B 261 -22.82 24.44 2.81
C PHE B 261 -23.38 23.10 2.37
N ASP B 262 -22.77 22.50 1.36
CA ASP B 262 -23.14 21.16 0.93
C ASP B 262 -22.34 20.13 1.71
N GLY B 263 -21.20 20.56 2.24
CA GLY B 263 -20.33 19.68 3.00
C GLY B 263 -19.36 20.48 3.84
N LEU B 264 -18.91 19.88 4.92
CA LEU B 264 -17.95 20.51 5.81
C LEU B 264 -16.76 19.58 6.01
N PHE B 265 -15.57 20.16 6.14
CA PHE B 265 -14.39 19.36 6.44
C PHE B 265 -13.69 19.84 7.69
N THR B 266 -13.26 18.89 8.51
CA THR B 266 -12.52 19.17 9.75
C THR B 266 -11.12 18.58 9.67
N MET B 267 -10.13 19.35 10.07
CA MET B 267 -8.78 18.82 10.25
C MET B 267 -8.60 18.47 11.70
N ASN B 268 -9.43 17.56 12.20
CA ASN B 268 -9.45 17.26 13.62
C ASN B 268 -8.24 16.42 14.07
N ARG B 269 -7.96 16.44 15.37
CA ARG B 269 -6.90 15.60 15.88
C ARG B 269 -7.39 14.18 16.06
N MET B 270 -6.44 13.26 16.15
CA MET B 270 -6.76 11.86 16.34
C MET B 270 -5.89 11.29 17.46
N ARG B 271 -6.39 10.30 18.17
CA ARG B 271 -5.59 9.60 19.17
C ARG B 271 -5.47 8.13 18.77
N LEU B 272 -4.42 7.44 19.24
CA LEU B 272 -4.33 6.00 19.01
C LEU B 272 -5.51 5.32 19.70
N SER B 273 -6.04 4.25 19.11
CA SER B 273 -7.18 3.55 19.70
C SER B 273 -6.81 2.90 21.03
N SER B 274 -5.54 2.55 21.18
CA SER B 274 -5.14 1.67 22.27
C SER B 274 -3.79 2.06 22.87
N PRO B 275 -3.66 1.93 24.20
CA PRO B 275 -2.38 2.22 24.87
C PRO B 275 -1.38 1.07 24.71
N VAL B 276 -1.75 0.03 23.97
CA VAL B 276 -0.92 -1.15 23.82
C VAL B 276 0.50 -0.84 23.30
N ALA B 277 0.59 0.03 22.30
CA ALA B 277 1.90 0.40 21.75
C ALA B 277 2.82 0.99 22.82
N GLU B 278 2.26 1.89 23.63
CA GLU B 278 3.00 2.55 24.69
C GLU B 278 3.29 1.58 25.84
N GLN B 279 2.39 0.64 26.06
CA GLN B 279 2.63 -0.39 27.07
C GLN B 279 3.80 -1.26 26.66
N LEU B 280 3.96 -1.46 25.35
CA LEU B 280 5.03 -2.30 24.82
C LEU B 280 6.34 -1.54 24.67
N GLY B 281 6.32 -0.25 25.00
CA GLY B 281 7.52 0.57 24.90
C GLY B 281 7.85 1.05 23.49
N CYS B 282 6.88 1.00 22.59
CA CYS B 282 7.13 1.47 21.23
C CYS B 282 7.31 2.99 21.23
N ALA B 283 8.31 3.46 20.49
CA ALA B 283 8.48 4.90 20.32
C ALA B 283 7.26 5.49 19.60
N ILE B 284 6.76 6.59 20.14
CA ILE B 284 5.58 7.27 19.61
C ILE B 284 5.92 8.74 19.43
N GLU B 285 5.62 9.29 18.27
CA GLU B 285 5.94 10.68 17.98
C GLU B 285 4.70 11.48 17.60
N GLU B 286 4.75 12.79 17.78
CA GLU B 286 3.66 13.67 17.42
C GLU B 286 3.67 14.00 15.93
N GLY B 287 2.66 13.51 15.20
CA GLY B 287 2.54 13.85 13.80
C GLY B 287 1.67 15.08 13.67
N PRO B 288 1.40 15.51 12.43
CA PRO B 288 0.59 16.72 12.21
C PRO B 288 -0.78 16.64 12.86
N LEU B 289 -1.40 15.46 12.89
CA LEU B 289 -2.77 15.35 13.40
C LEU B 289 -2.89 14.59 14.72
N GLY B 290 -1.76 14.24 15.33
CA GLY B 290 -1.80 13.47 16.56
C GLY B 290 -0.72 12.42 16.54
N PRO B 291 -0.66 11.58 17.57
CA PRO B 291 0.42 10.60 17.74
C PRO B 291 0.50 9.54 16.65
N TYR B 292 1.70 9.14 16.27
CA TYR B 292 1.90 7.97 15.42
C TYR B 292 3.01 7.08 16.01
N VAL B 293 2.88 5.78 15.75
CA VAL B 293 3.90 4.83 16.18
C VAL B 293 5.03 4.80 15.15
N ARG B 294 6.24 5.12 15.59
CA ARG B 294 7.38 5.15 14.70
C ARG B 294 7.67 3.75 14.15
N THR B 295 7.97 3.67 12.87
CA THR B 295 8.35 2.39 12.26
C THR B 295 9.55 2.60 11.34
N ASP B 296 10.29 1.54 11.06
CA ASP B 296 11.32 1.63 10.03
C ASP B 296 10.70 1.32 8.66
N ASP B 297 11.51 1.19 7.62
CA ASP B 297 10.91 0.98 6.30
C ASP B 297 10.41 -0.45 6.07
N ALA B 298 10.48 -1.28 7.10
CA ALA B 298 9.88 -2.61 7.10
C ALA B 298 8.75 -2.70 8.13
N MET B 299 8.25 -1.54 8.55
CA MET B 299 7.10 -1.44 9.46
C MET B 299 7.35 -1.98 10.88
N GLU B 300 8.60 -2.20 11.25
CA GLU B 300 8.89 -2.65 12.61
C GLU B 300 9.03 -1.43 13.54
N THR B 301 8.48 -1.55 14.75
CA THR B 301 8.55 -0.47 15.72
C THR B 301 9.93 -0.52 16.40
N SER B 302 10.11 0.32 17.41
CA SER B 302 11.38 0.35 18.14
C SER B 302 11.49 -0.84 19.10
N THR B 303 10.36 -1.51 19.32
CA THR B 303 10.36 -2.76 20.09
C THR B 303 10.50 -3.94 19.14
N PRO B 304 11.63 -4.65 19.23
CA PRO B 304 11.92 -5.79 18.35
C PRO B 304 10.79 -6.81 18.38
N GLY B 305 10.29 -7.19 17.22
CA GLY B 305 9.26 -8.20 17.14
C GLY B 305 7.87 -7.62 17.13
N VAL B 306 7.78 -6.31 17.29
CA VAL B 306 6.50 -5.63 17.20
C VAL B 306 6.43 -4.75 15.95
N PHE B 307 5.47 -5.04 15.08
CA PHE B 307 5.27 -4.26 13.87
C PHE B 307 3.98 -3.41 13.95
N ALA B 308 3.88 -2.39 13.09
CA ALA B 308 2.70 -1.52 13.09
C ALA B 308 2.32 -1.16 11.66
N CYS B 309 1.02 -1.00 11.43
CA CYS B 309 0.54 -0.65 10.11
C CYS B 309 -0.82 0.04 10.20
N GLY B 310 -1.23 0.65 9.10
CA GLY B 310 -2.50 1.35 9.06
C GLY B 310 -2.41 2.79 9.49
N ASP B 311 -3.51 3.31 10.05
CA ASP B 311 -3.63 4.71 10.39
C ASP B 311 -2.67 5.14 11.50
N ILE B 312 -2.14 4.18 12.25
CA ILE B 312 -1.25 4.52 13.35
C ILE B 312 0.20 4.75 12.91
N THR B 313 0.48 4.61 11.62
CA THR B 313 1.82 4.86 11.10
C THR B 313 1.87 6.16 10.28
N HIS B 314 3.07 6.69 10.06
N HIS B 314 3.08 6.67 10.09
CA HIS B 314 3.23 8.05 9.54
CA HIS B 314 3.33 8.01 9.52
C HIS B 314 2.75 8.28 8.11
C HIS B 314 2.70 8.25 8.15
N ARG B 315 2.60 7.20 7.34
CA ARG B 315 2.08 7.31 5.97
C ARG B 315 0.74 6.58 5.75
N GLY B 316 -0.05 6.47 6.82
CA GLY B 316 -1.40 5.95 6.72
C GLY B 316 -2.40 7.05 6.42
N GLY B 317 -3.68 6.75 6.58
CA GLY B 317 -4.71 7.74 6.38
C GLY B 317 -5.83 7.29 5.47
N THR B 318 -5.56 6.35 4.58
CA THR B 318 -6.63 5.81 3.73
C THR B 318 -6.57 4.29 3.69
N VAL B 319 -7.61 3.70 3.14
CA VAL B 319 -7.70 2.26 3.02
C VAL B 319 -6.60 1.68 2.12
N ALA B 320 -6.40 2.28 0.96
CA ALA B 320 -5.37 1.79 0.05
C ALA B 320 -4.01 1.82 0.74
N LEU B 321 -3.73 2.90 1.46
CA LEU B 321 -2.47 2.99 2.21
C LEU B 321 -2.34 1.86 3.23
N ALA B 322 -3.44 1.58 3.95
CA ALA B 322 -3.48 0.52 4.96
C ALA B 322 -3.24 -0.87 4.37
N ILE B 323 -3.79 -1.10 3.20
CA ILE B 323 -3.63 -2.39 2.54
C ILE B 323 -2.17 -2.63 2.18
N GLY B 324 -1.56 -1.62 1.57
CA GLY B 324 -0.15 -1.67 1.24
C GLY B 324 0.76 -1.80 2.45
N ASN B 325 0.63 -0.92 3.44
CA ASN B 325 1.59 -1.03 4.54
C ASN B 325 1.28 -2.17 5.52
N GLY B 326 0.04 -2.65 5.48
CA GLY B 326 -0.32 -3.87 6.18
C GLY B 326 0.34 -5.09 5.59
N ALA B 327 0.33 -5.18 4.26
CA ALA B 327 0.96 -6.30 3.58
C ALA B 327 2.46 -6.31 3.85
N LEU B 328 3.05 -5.12 3.88
CA LEU B 328 4.48 -5.00 4.17
C LEU B 328 4.80 -5.48 5.59
N ALA B 329 3.99 -5.06 6.55
CA ALA B 329 4.16 -5.46 7.94
C ALA B 329 4.03 -6.98 8.12
N GLY B 330 3.04 -7.57 7.45
CA GLY B 330 2.81 -9.00 7.51
C GLY B 330 3.99 -9.82 6.97
N ILE B 331 4.49 -9.47 5.80
CA ILE B 331 5.65 -10.16 5.24
C ILE B 331 6.89 -9.97 6.12
N ALA B 332 7.06 -8.75 6.62
CA ALA B 332 8.22 -8.44 7.46
C ALA B 332 8.14 -9.21 8.77
N ALA B 333 6.94 -9.33 9.32
CA ALA B 333 6.74 -10.12 10.52
C ALA B 333 7.14 -11.56 10.25
N HIS B 334 6.68 -12.10 9.12
CA HIS B 334 7.05 -13.46 8.76
C HIS B 334 8.55 -13.62 8.58
N ARG B 335 9.18 -12.65 7.93
CA ARG B 335 10.63 -12.73 7.73
C ARG B 335 11.34 -12.86 9.07
N LYS B 336 10.89 -12.08 10.05
CA LYS B 336 11.49 -12.12 11.38
C LYS B 336 11.26 -13.46 12.07
N LEU B 337 10.14 -14.13 11.82
CA LEU B 337 9.90 -15.45 12.40
C LEU B 337 10.97 -16.44 11.94
N VAL B 338 11.37 -16.31 10.69
CA VAL B 338 12.31 -17.24 10.10
C VAL B 338 13.73 -16.83 10.40
N PHE B 339 14.06 -15.57 10.21
CA PHE B 339 15.46 -15.15 10.32
C PHE B 339 15.85 -14.53 11.67
N GLY B 340 14.86 -14.30 12.53
CA GLY B 340 15.14 -13.70 13.83
C GLY B 340 15.45 -12.22 13.74
CB 1KC C 1 -0.06 9.92 3.87
C 1KC C 1 0.34 10.69 5.13
O 1KC C 1 1.34 11.37 5.16
O1 1KC C 1 -0.38 11.99 2.60
CA 1KC C 1 -0.95 10.71 2.95
CAO 1KC C 1 -2.40 10.78 3.44
CAM 1KC C 1 -3.12 11.89 3.35
CAP 1KC C 1 -4.62 11.75 3.17
CAQ 1KC C 1 -5.51 12.97 3.25
SAY 1KC C 1 -6.04 13.47 4.87
CAB 1KC C 1 -5.13 12.56 6.10
N DVA C 2 -0.49 10.61 6.18
CA DVA C 2 -0.26 11.28 7.47
CB DVA C 2 -1.21 10.76 8.58
CG1 DVA C 2 -2.23 11.72 9.09
CG2 DVA C 2 -0.55 9.99 9.70
C DVA C 2 -0.26 12.79 7.27
O DVA C 2 0.58 13.45 7.89
CS 060 C 3 -0.82 18.13 7.72
N 060 C 3 -1.12 13.43 6.46
S 060 C 3 -2.29 17.31 7.15
C1 060 C 3 -2.11 15.54 7.29
CA 060 C 3 -1.11 14.89 6.35
O 060 C 3 -2.11 14.88 4.16
C 060 C 3 -1.21 15.30 4.87
N DBU C 4 -0.31 16.19 4.34
CA DBU C 4 -0.44 16.57 2.93
CB DBU C 4 -0.79 17.79 2.57
CG DBU C 4 -1.06 18.85 3.60
C DBU C 4 -0.14 15.53 1.87
O DBU C 4 -0.64 15.62 0.75
N VAL C 5 0.68 14.50 2.19
CA VAL C 5 0.99 13.48 1.20
C VAL C 5 0.26 12.15 1.43
CB 1KC D 1 9.34 -5.67 -0.43
C 1KC D 1 10.72 -5.51 -1.06
O 1KC D 1 11.63 -5.00 -0.42
O1 1KC D 1 9.79 -7.66 0.99
CA 1KC D 1 8.94 -7.08 -0.04
CAO 1KC D 1 8.69 -7.99 -1.25
CAM 1KC D 1 8.07 -9.14 -1.11
CAP 1KC D 1 8.90 -10.39 -0.90
CAQ 1KC D 1 8.54 -11.65 -1.67
SAY 1KC D 1 9.11 -11.83 -3.34
CAB 1KC D 1 9.56 -10.25 -4.02
N DVA D 2 10.90 -5.94 -2.33
CA DVA D 2 12.18 -5.84 -3.08
CB DVA D 2 12.05 -6.04 -4.62
CG1 DVA D 2 12.16 -4.78 -5.45
CG2 DVA D 2 10.91 -6.92 -5.07
C DVA D 2 13.23 -6.74 -2.39
O DVA D 2 14.40 -6.38 -2.35
CS 060 D 3 17.41 -10.82 -2.08
N 060 D 3 12.88 -7.91 -1.81
S 060 D 3 15.78 -10.84 -1.36
C1 060 D 3 14.77 -9.58 -2.13
CA 060 D 3 13.89 -8.76 -1.18
O 060 D 3 12.13 -10.12 -0.30
C 060 D 3 13.20 -9.57 -0.08
N DBU D 4 13.81 -9.70 1.14
CA DBU D 4 13.17 -10.49 2.21
CB DBU D 4 13.33 -11.81 2.19
CG DBU D 4 13.70 -12.59 3.40
C DBU D 4 11.97 -9.85 2.89
O DBU D 4 11.19 -10.52 3.56
N VAL D 5 11.76 -8.52 2.73
CA VAL D 5 10.62 -7.82 3.34
C VAL D 5 9.57 -7.41 2.30
PA FAD E . 3.09 -4.20 -13.84
O1A FAD E . 1.90 -5.03 -13.35
O2A FAD E . 4.27 -5.09 -14.36
O5B FAD E . 2.52 -3.30 -14.94
C5B FAD E . 3.27 -2.26 -15.51
C4B FAD E . 2.62 -1.73 -16.79
O4B FAD E . 3.28 -0.66 -17.45
C3B FAD E . 2.44 -2.82 -17.81
O3B FAD E . 1.09 -2.85 -18.23
C2B FAD E . 3.32 -2.46 -18.89
O2B FAD E . 2.92 -2.84 -20.17
C1B FAD E . 3.31 -0.96 -18.80
N9A FAD E . 4.44 -0.32 -19.45
C8A FAD E . 5.72 -0.73 -19.39
N7A FAD E . 6.50 0.12 -20.11
C5A FAD E . 5.70 1.09 -20.61
C6A FAD E . 5.90 2.21 -21.41
N6A FAD E . 7.25 2.56 -21.88
N1A FAD E . 4.86 2.98 -21.74
C2A FAD E . 3.61 2.68 -21.32
N3A FAD E . 3.37 1.61 -20.56
C4A FAD E . 4.40 0.80 -20.19
N1 FAD E . 1.85 -10.31 -6.88
C2 FAD E . 0.76 -10.54 -5.96
O2 FAD E . 0.48 -9.62 -5.10
N3 FAD E . 0.01 -11.75 -5.99
C4 FAD E . 0.30 -12.76 -6.93
O4 FAD E . -0.32 -13.75 -6.93
C4X FAD E . 1.42 -12.53 -7.88
N5 FAD E . 1.76 -13.45 -8.81
C5X FAD E . 2.78 -13.19 -9.64
C6 FAD E . 3.09 -14.19 -10.56
C7 FAD E . 4.12 -14.03 -11.44
C7M FAD E . 4.43 -15.16 -12.46
C8 FAD E . 4.86 -12.86 -11.43
C8M FAD E . 5.98 -12.69 -12.40
C9 FAD E . 4.56 -11.86 -10.52
C9A FAD E . 3.51 -12.04 -9.60
N10 FAD E . 3.19 -11.10 -8.69
C10 FAD E . 2.16 -11.33 -7.84
C1' FAD E . 3.87 -9.77 -8.56
C2' FAD E . 3.11 -8.62 -9.32
O2' FAD E . 2.90 -9.02 -10.68
C3' FAD E . 3.67 -7.22 -9.25
O3' FAD E . 3.97 -6.94 -7.92
C4' FAD E . 2.73 -6.17 -9.79
O4' FAD E . 2.11 -6.60 -11.01
C5' FAD E . 3.40 -4.85 -10.04
O5' FAD E . 2.56 -3.81 -10.54
P FAD E . 3.07 -2.57 -11.41
O1P FAD E . 1.64 -1.78 -11.63
O2P FAD E . 4.15 -2.10 -10.35
O3P FAD E . 3.78 -3.42 -12.66
CL CL F . 6.02 -15.38 -8.54
C1 EDO G . 8.78 -14.69 -19.39
O1 EDO G . 8.95 -14.94 -20.74
C2 EDO G . 9.79 -13.84 -18.70
O2 EDO G . 9.51 -12.50 -18.48
C1 EDO H . -16.94 7.16 -10.56
O1 EDO H . -17.64 6.25 -9.78
C2 EDO H . -17.30 8.60 -10.47
O2 EDO H . -18.63 8.96 -10.64
P PO4 I . 25.29 -33.55 -5.60
O1 PO4 I . 26.58 -34.34 -5.67
O2 PO4 I . 24.16 -34.49 -5.21
O3 PO4 I . 25.42 -32.47 -4.54
O4 PO4 I . 24.99 -32.96 -6.97
PA FAD J . -9.39 0.93 11.44
O1A FAD J . -10.23 0.79 10.17
O2A FAD J . -9.81 2.23 12.24
O5B FAD J . -9.62 -0.36 12.22
C5B FAD J . -8.97 -0.61 13.42
C4B FAD J . -9.55 -1.82 14.17
O4B FAD J . -8.84 -2.25 15.34
C3B FAD J . -10.97 -1.59 14.56
O3B FAD J . -11.77 -2.72 14.21
C2B FAD J . -10.90 -1.41 15.98
O2B FAD J . -12.07 -1.75 16.65
C1B FAD J . -9.79 -2.36 16.35
N9A FAD J . -9.21 -2.11 17.67
C8A FAD J . -8.94 -0.91 18.24
N7A FAD J . -8.41 -1.11 19.46
C5A FAD J . -8.35 -2.45 19.67
C6A FAD J . -7.92 -3.26 20.71
N6A FAD J . -7.38 -2.68 21.92
N1A FAD J . -8.00 -4.61 20.58
C2A FAD J . -8.50 -5.17 19.46
N3A FAD J . -8.93 -4.44 18.44
C4A FAD J . -8.86 -3.08 18.53
N1 FAD J . -10.42 5.86 3.64
C2 FAD J . -10.52 5.48 2.25
O2 FAD J . -9.49 4.95 1.68
N3 FAD J . -11.74 5.69 1.54
C4 FAD J . -12.88 6.25 2.16
O4 FAD J . -13.89 6.42 1.56
C4X FAD J . -12.77 6.62 3.60
N5 FAD J . -13.81 7.17 4.26
C5X FAD J . -13.68 7.53 5.54
C6 FAD J . -14.79 8.10 6.16
C7 FAD J . -14.72 8.47 7.49
C7M FAD J . -15.96 9.10 8.17
C8 FAD J . -13.55 8.28 8.20
C8M FAD J . -13.46 8.69 9.62
C9 FAD J . -12.45 7.72 7.59
C9A FAD J . -12.51 7.34 6.24
N10 FAD J . -11.46 6.80 5.61
C10 FAD J . -11.57 6.43 4.29
C1' FAD J . -10.14 6.52 6.28
C2' FAD J . -10.04 5.01 6.73
O2' FAD J . -11.17 4.72 7.54
C3' FAD J . -8.76 4.56 7.38
O3' FAD J . -7.72 4.97 6.57
C4' FAD J . -8.70 3.05 7.60
O4' FAD J . -9.86 2.59 8.30
C5' FAD J . -7.53 2.59 8.39
O5' FAD J . -7.57 1.20 8.72
P FAD J . -6.89 0.52 10.01
O1P FAD J . -7.06 -1.07 9.60
O2P FAD J . -5.52 1.32 9.84
O3P FAD J . -7.87 1.23 11.16
CL CL K . -13.34 11.49 5.87
C1 EDO L . -8.38 -4.15 -2.47
O1 EDO L . -9.29 -5.05 -1.94
C2 EDO L . -8.12 -4.25 -3.93
O2 EDO L . -9.13 -3.83 -4.77
C1 EDO M . -7.14 -21.86 0.49
O1 EDO M . -7.54 -22.88 1.34
C2 EDO M . -7.43 -20.47 0.91
O2 EDO M . -8.07 -19.66 0.00
C1 GOL N . 1.75 25.17 9.68
O1 GOL N . 2.89 25.24 10.47
C2 GOL N . 1.82 25.70 8.26
O2 GOL N . 2.52 24.89 7.37
C3 GOL N . 0.48 26.15 7.74
O3 GOL N . 0.45 26.81 6.52
#